data_8YUU
#
_entry.id   8YUU
#
_cell.length_a   1.00
_cell.length_b   1.00
_cell.length_c   1.00
_cell.angle_alpha   90.00
_cell.angle_beta   90.00
_cell.angle_gamma   90.00
#
_symmetry.space_group_name_H-M   'P 1'
#
loop_
_entity.id
_entity.type
_entity.pdbx_description
1 polymer 'Histamine H3 receptor'
2 polymer 'Guanine nucleotide-binding protein G(i) subunit alpha-1'
3 polymer 'Guanine nucleotide-binding protein G(I)/G(S)/G(T) subunit beta-1'
4 polymer 'Guanine nucleotide-binding protein G(I)/G(S)/G(O) subunit gamma-2'
5 polymer scFv16
6 non-polymer HISTAMINE
7 non-polymer CHOLESTEROL
#
loop_
_entity_poly.entity_id
_entity_poly.type
_entity_poly.pdbx_seq_one_letter_code
_entity_poly.pdbx_strand_id
1 'polypeptide(L)'
;DYKDDDDKLEVLFQGPMERAPPDGPLNASGALAGEAAAAGGARGFSAAWTAVLAALMALLIVATVLGNALVMLAFVADSS
LRTQNNFFLLNLAISDFLVGAFCIPLYVPYVLTGRWTFGRGLCKLWLVVDYLLCTSSAFNIVLISYDRFLSVTRAVSYRA
QQGDTRRAVRKMLLVWVLAFLLYGPAILSWEYLSGGSSIPEGHCYAEFFYNWYFLITASTLEFFTPFLSVTFFNLSIYLN
IQRRTRLRLDGAREAAGPEPPPEAQPSPPPPPGCWGCWQKGHGEAMPLHRYGVGEAAVGAEAGEATLGGGGGGGSVASPT
SSSGSSSRGTERPRSLKRGSKPSASSASLEKRMKMVSQSFTQRFRLSRDRKVAKSLAVIVSIFGLCWAPYTLLMIIRAAC
HGHCVPDYWYETSFWLLWANSAVNPVLYPLCHHSFRRAFTKLLCPQKLKIQPHSSLEHCWK
;
R
2 'polypeptide(L)'
;MGCTLSAEDKAAVERSKMIDRNLREDGEKAAREVKLLLLGAGESGKNTIVKQMKIIHEAGYSEEECKQYKAVVYSNTIQS
IIAIIRAMGRLKIDFGDSARADDARQLFVLAGAAEEGFMTAELAGVIKRLWKDSGVQACFNRSREYQLNDSAAYYLNDLD
RIAQPNYIPTQQDVLRTRVKTTGIVETHFTFKDLHFKMFDVGAQRSERKKWIHCFEGVTAIIFCVALSDYDLVLAEDEEM
NRMHASMKLFDSICNNKWFTDTSIILFLNKKDLFEEKIKKSPLTICYPEYAGSNTYEEAAAYIQCQFEDLNKRKDTKEIY
THFTCSTDTKNVQFVFDAVTDVIIKNNLKDCGLF
;
A
3 'polypeptide(L)'
;MHHHHHHLEVLFQGPGSSGSELDQLRQEAEQLKNQIRDARKACADATLSQITNNIDPVGRIQMRTRRTLRGHLAKIYAMH
WGTDSRLLVSASQDGKLIIWDSYTTNKVHAIPLRSSWVMTCAYAPSGNYVACGGLDNICSIYNLKTREGNVRVSRELAGH
TGYLSCCRFLDDNQIVTSSGDTTCALWDIETGQQTTTFTGHTGDVMSLSLAPDTRLFVSGACDASAKLWDVREGMCRQTF
TGHESDINAICFFPNGNAFATGSDDATCRLFDLRADQELMTYSHDNIICGITSVSFSKSGRLLLAGYDDFNCNVWDALKA
DRAGVLAGHDNRVSCLGVTDDGMAVATGSWDSFLKIWN
;
B
4 'polypeptide(L)' MASNNTASIAQARKLVEQLKMEANIDRIKVSKAAADLMAYCEAHAKEDPLLTPVPASENPFREKKFFCAIL G
5 'polypeptide(L)'
;DVQLVESGGGLVQPGGSRKLSCSASGFAFSSFGMHWVRQAPEKGLEWVAYISSGSGTIYYADTVKGRFTISRDDPKNTLF
LQMTSLRSEDTAMYYCVRSIYYYGSSPFDFWGQGTTLTVSSGGGGSGGGGSGGGGSDIVMTQATSSVPVTPGESVSISCR
SSKSLLHSNGNTYLYWFLQRPGQSPQLLIYRMSNLASGVPDRFSGSGSGTAFTLTISRLEAEDVGVYYCMQHLEYPLTFG
AGTKLELKGSLEVLFQGPAAAHHHHHHHH
;
S
#
loop_
_chem_comp.id
_chem_comp.type
_chem_comp.name
_chem_comp.formula
CLR non-polymer CHOLESTEROL 'C27 H46 O'
HSM non-polymer HISTAMINE 'C5 H9 N3'
#
# COMPACT_ATOMS: atom_id res chain seq x y z
N ALA A 48 51.21 8.61 -38.90
CA ALA A 48 50.59 9.83 -39.39
C ALA A 48 49.81 10.52 -38.27
N TRP A 49 49.46 11.79 -38.49
CA TRP A 49 48.74 12.57 -37.49
C TRP A 49 47.39 11.98 -37.14
N THR A 50 46.74 11.28 -38.09
CA THR A 50 45.41 10.73 -37.83
C THR A 50 45.38 9.87 -36.58
N ALA A 51 46.47 9.16 -36.27
CA ALA A 51 46.47 8.27 -35.11
C ALA A 51 46.08 9.03 -33.85
N VAL A 52 46.38 10.33 -33.79
CA VAL A 52 45.92 11.14 -32.69
C VAL A 52 44.44 11.47 -32.84
N LEU A 53 44.08 12.09 -33.97
CA LEU A 53 42.70 12.56 -34.15
C LEU A 53 41.70 11.45 -33.89
N ALA A 54 41.75 10.39 -34.70
CA ALA A 54 40.83 9.28 -34.48
C ALA A 54 40.87 8.81 -33.03
N ALA A 55 42.08 8.70 -32.46
CA ALA A 55 42.19 8.26 -31.08
C ALA A 55 41.31 9.12 -30.17
N LEU A 56 41.43 10.45 -30.28
CA LEU A 56 40.59 11.31 -29.48
C LEU A 56 39.12 10.94 -29.64
N MET A 57 38.65 10.83 -30.88
CA MET A 57 37.27 10.47 -31.11
C MET A 57 36.91 9.20 -30.35
N ALA A 58 37.78 8.19 -30.41
CA ALA A 58 37.51 6.95 -29.69
C ALA A 58 37.18 7.23 -28.24
N LEU A 59 38.00 8.03 -27.55
CA LEU A 59 37.70 8.35 -26.16
C LEU A 59 36.30 8.90 -26.04
N LEU A 60 35.95 9.90 -26.85
CA LEU A 60 34.60 10.43 -26.81
C LEU A 60 33.58 9.31 -27.02
N ILE A 61 33.80 8.48 -28.03
CA ILE A 61 32.82 7.44 -28.34
C ILE A 61 32.54 6.58 -27.12
N VAL A 62 33.56 6.40 -26.26
CA VAL A 62 33.35 5.61 -25.06
C VAL A 62 32.79 6.46 -23.93
N ALA A 63 33.32 7.68 -23.77
CA ALA A 63 32.88 8.50 -22.64
C ALA A 63 31.39 8.75 -22.69
N THR A 64 30.84 8.98 -23.88
CA THR A 64 29.40 9.14 -24.02
C THR A 64 28.68 7.82 -23.76
N VAL A 65 29.21 6.71 -24.29
CA VAL A 65 28.50 5.44 -24.19
C VAL A 65 28.59 4.87 -22.78
N LEU A 66 29.76 4.97 -22.15
CA LEU A 66 29.92 4.38 -20.83
C LEU A 66 29.12 5.12 -19.77
N GLY A 67 29.50 6.36 -19.49
CA GLY A 67 28.82 7.16 -18.49
C GLY A 67 27.32 7.14 -18.60
N ASN A 68 26.79 7.37 -19.79
CA ASN A 68 25.35 7.30 -19.98
C ASN A 68 24.79 5.91 -19.75
N ALA A 69 25.50 4.88 -20.23
CA ALA A 69 25.05 3.51 -19.96
C ALA A 69 24.98 3.38 -18.48
N LEU A 70 26.01 3.85 -17.80
CA LEU A 70 26.05 3.69 -16.35
C LEU A 70 24.79 4.27 -15.72
N VAL A 71 24.40 5.47 -16.14
CA VAL A 71 23.20 6.09 -15.59
C VAL A 71 22.01 5.16 -15.75
N MET A 72 21.80 4.64 -16.96
CA MET A 72 20.68 3.74 -17.19
C MET A 72 20.79 2.53 -16.28
N LEU A 73 21.99 2.00 -16.08
CA LEU A 73 22.17 0.88 -15.18
C LEU A 73 21.58 1.20 -13.81
N ALA A 74 21.90 2.37 -13.27
CA ALA A 74 21.36 2.73 -11.96
C ALA A 74 19.84 2.67 -11.98
N PHE A 75 19.22 3.17 -13.05
CA PHE A 75 17.76 3.19 -13.11
C PHE A 75 17.20 1.79 -12.94
N VAL A 76 17.90 0.79 -13.46
CA VAL A 76 17.43 -0.59 -13.29
C VAL A 76 18.07 -1.21 -12.06
N ALA A 77 19.25 -0.73 -11.68
CA ALA A 77 19.90 -1.27 -10.48
C ALA A 77 19.12 -0.93 -9.23
N ASP A 78 18.56 0.28 -9.15
CA ASP A 78 17.84 0.76 -7.97
C ASP A 78 16.38 0.98 -8.37
N SER A 79 15.46 0.44 -7.58
CA SER A 79 14.04 0.65 -7.78
C SER A 79 13.53 1.91 -7.11
N SER A 80 14.33 2.56 -6.25
CA SER A 80 13.93 3.80 -5.62
C SER A 80 14.10 5.02 -6.53
N LEU A 81 14.73 4.83 -7.69
CA LEU A 81 14.87 5.91 -8.68
C LEU A 81 13.67 5.94 -9.63
N ARG A 82 12.51 6.30 -9.07
CA ARG A 82 11.26 6.27 -9.83
C ARG A 82 10.42 7.52 -9.64
N THR A 83 11.05 8.69 -9.46
CA THR A 83 10.31 9.94 -9.46
C THR A 83 10.39 10.60 -10.83
N GLN A 84 9.55 11.63 -11.02
CA GLN A 84 9.47 12.29 -12.32
C GLN A 84 10.82 12.87 -12.71
N ASN A 85 11.53 13.49 -11.77
CA ASN A 85 12.82 14.07 -12.06
C ASN A 85 13.76 13.00 -12.55
N ASN A 86 13.73 11.84 -11.90
CA ASN A 86 14.60 10.74 -12.29
C ASN A 86 14.27 10.26 -13.68
N PHE A 87 13.00 10.23 -14.04
CA PHE A 87 12.62 9.87 -15.40
C PHE A 87 13.14 10.89 -16.40
N PHE A 88 13.09 12.18 -16.07
CA PHE A 88 13.66 13.19 -16.96
C PHE A 88 15.16 13.00 -17.12
N LEU A 89 15.85 12.68 -16.03
CA LEU A 89 17.28 12.46 -16.09
C LEU A 89 17.58 11.25 -16.95
N LEU A 90 16.73 10.23 -16.88
CA LEU A 90 16.88 9.05 -17.71
C LEU A 90 16.73 9.41 -19.17
N ASN A 91 15.74 10.22 -19.48
CA ASN A 91 15.48 10.59 -20.87
C ASN A 91 16.68 11.32 -21.43
N LEU A 92 17.28 12.19 -20.63
CA LEU A 92 18.47 12.90 -21.07
C LEU A 92 19.62 11.92 -21.25
N ALA A 93 19.74 10.93 -20.37
CA ALA A 93 20.79 9.94 -20.52
C ALA A 93 20.60 9.14 -21.80
N ILE A 94 19.36 8.78 -22.11
CA ILE A 94 19.08 8.04 -23.35
C ILE A 94 19.45 8.89 -24.56
N SER A 95 19.06 10.17 -24.54
CA SER A 95 19.40 11.04 -25.66
C SER A 95 20.91 11.14 -25.85
N ASP A 96 21.65 11.28 -24.75
CA ASP A 96 23.10 11.34 -24.88
C ASP A 96 23.71 10.03 -25.36
N PHE A 97 23.21 8.89 -24.85
CA PHE A 97 23.76 7.60 -25.21
C PHE A 97 23.57 7.33 -26.70
N LEU A 98 22.35 7.57 -27.21
CA LEU A 98 22.12 7.34 -28.63
C LEU A 98 23.01 8.20 -29.51
N VAL A 99 23.38 9.40 -29.05
CA VAL A 99 24.32 10.23 -29.80
C VAL A 99 25.73 9.63 -29.73
N GLY A 100 26.10 9.11 -28.56
CA GLY A 100 27.45 8.59 -28.40
C GLY A 100 27.74 7.36 -29.22
N ALA A 101 26.75 6.49 -29.41
CA ALA A 101 26.97 5.18 -30.01
C ALA A 101 26.67 5.14 -31.51
N PHE A 102 25.79 6.00 -32.01
CA PHE A 102 25.35 5.88 -33.40
C PHE A 102 25.84 7.04 -34.26
N CYS A 103 25.59 8.28 -33.84
CA CYS A 103 25.93 9.43 -34.67
C CYS A 103 27.44 9.58 -34.83
N ILE A 104 28.18 9.58 -33.74
CA ILE A 104 29.63 9.81 -33.77
C ILE A 104 30.34 8.70 -34.53
N PRO A 105 30.08 7.42 -34.22
CA PRO A 105 30.77 6.35 -34.94
C PRO A 105 30.52 6.38 -36.43
N LEU A 106 29.30 6.73 -36.85
CA LEU A 106 28.98 6.79 -38.26
C LEU A 106 29.60 8.02 -38.91
N TYR A 107 29.70 9.13 -38.19
CA TYR A 107 30.29 10.33 -38.75
C TYR A 107 31.81 10.22 -38.86
N VAL A 108 32.41 9.36 -38.04
CA VAL A 108 33.87 9.25 -38.04
C VAL A 108 34.43 8.99 -39.44
N PRO A 109 33.89 8.06 -40.23
CA PRO A 109 34.41 7.88 -41.59
C PRO A 109 34.35 9.14 -42.44
N TYR A 110 33.26 9.90 -42.29
CA TYR A 110 33.10 11.11 -43.10
C TYR A 110 34.20 12.13 -42.80
N VAL A 111 34.52 12.31 -41.52
CA VAL A 111 35.58 13.25 -41.15
C VAL A 111 36.94 12.70 -41.54
N LEU A 112 37.16 11.40 -41.36
CA LEU A 112 38.48 10.83 -41.63
C LEU A 112 38.83 10.81 -43.11
N THR A 113 37.86 10.48 -43.98
CA THR A 113 38.13 10.34 -45.40
C THR A 113 37.60 11.49 -46.25
N GLY A 114 36.65 12.27 -45.74
CA GLY A 114 36.07 13.33 -46.51
C GLY A 114 34.97 12.92 -47.45
N ARG A 115 34.66 11.62 -47.46
CA ARG A 115 33.61 11.09 -48.32
C ARG A 115 32.64 10.30 -47.46
N TRP A 116 31.38 10.33 -47.84
CA TRP A 116 30.35 9.60 -47.10
C TRP A 116 29.99 8.34 -47.87
N THR A 117 30.24 7.19 -47.26
CA THR A 117 29.94 5.91 -47.89
C THR A 117 28.43 5.67 -47.86
N PHE A 118 27.86 5.22 -48.98
CA PHE A 118 26.40 5.03 -49.09
C PHE A 118 25.67 6.36 -49.01
N GLY A 119 26.04 7.29 -49.87
CA GLY A 119 25.42 8.60 -49.87
C GLY A 119 23.98 8.67 -50.29
N ARG A 120 23.18 9.53 -49.65
CA ARG A 120 21.74 9.69 -49.95
C ARG A 120 20.86 8.54 -49.49
N GLY A 121 21.43 7.52 -48.87
CA GLY A 121 20.62 6.43 -48.34
C GLY A 121 20.78 6.44 -46.85
N LEU A 122 21.87 7.04 -46.39
CA LEU A 122 22.12 7.11 -44.97
C LEU A 122 22.16 8.57 -44.56
N CYS A 123 22.36 9.48 -45.53
CA CYS A 123 22.35 10.89 -45.21
C CYS A 123 21.12 11.27 -44.42
N LYS A 124 19.93 10.93 -44.94
CA LYS A 124 18.70 11.42 -44.31
C LYS A 124 18.45 10.73 -42.97
N LEU A 125 18.70 9.43 -42.89
CA LEU A 125 18.52 8.74 -41.61
C LEU A 125 19.46 9.32 -40.56
N TRP A 126 20.74 9.48 -40.91
CA TRP A 126 21.70 10.02 -39.95
C TRP A 126 21.33 11.44 -39.54
N LEU A 127 20.93 12.28 -40.50
CA LEU A 127 20.56 13.65 -40.16
C LEU A 127 19.35 13.67 -39.24
N VAL A 128 18.33 12.87 -39.53
CA VAL A 128 17.15 12.86 -38.69
C VAL A 128 17.51 12.42 -37.27
N VAL A 129 18.29 11.34 -37.16
CA VAL A 129 18.66 10.86 -35.83
C VAL A 129 19.48 11.91 -35.09
N ASP A 130 20.44 12.52 -35.76
CA ASP A 130 21.32 13.50 -35.10
C ASP A 130 20.53 14.69 -34.60
N TYR A 131 19.71 15.30 -35.47
CA TYR A 131 18.92 16.44 -35.07
C TYR A 131 17.93 16.09 -33.98
N LEU A 132 17.27 14.95 -34.08
CA LEU A 132 16.33 14.54 -33.04
C LEU A 132 17.04 14.43 -31.69
N LEU A 133 18.22 13.80 -31.68
CA LEU A 133 18.92 13.61 -30.41
C LEU A 133 19.37 14.93 -29.82
N CYS A 134 19.94 15.82 -30.64
CA CYS A 134 20.39 17.10 -30.10
C CYS A 134 19.22 17.92 -29.56
N THR A 135 18.14 18.02 -30.33
CA THR A 135 17.01 18.83 -29.89
C THR A 135 16.33 18.21 -28.68
N SER A 136 16.29 16.88 -28.58
CA SER A 136 15.77 16.25 -27.37
C SER A 136 16.64 16.53 -26.17
N SER A 137 17.96 16.58 -26.35
CA SER A 137 18.82 16.96 -25.23
C SER A 137 18.51 18.37 -24.75
N ALA A 138 18.37 19.32 -25.67
CA ALA A 138 18.03 20.68 -25.27
C ALA A 138 16.69 20.72 -24.55
N PHE A 139 15.69 20.07 -25.11
CA PHE A 139 14.36 20.11 -24.50
C PHE A 139 14.37 19.46 -23.13
N ASN A 140 15.14 18.40 -22.95
CA ASN A 140 15.26 17.80 -21.64
C ASN A 140 15.93 18.73 -20.64
N ILE A 141 16.96 19.46 -21.06
CA ILE A 141 17.60 20.42 -20.18
C ILE A 141 16.53 21.39 -19.70
N VAL A 142 15.67 21.83 -20.62
CA VAL A 142 14.62 22.78 -20.23
C VAL A 142 13.60 22.12 -19.31
N LEU A 143 13.24 20.86 -19.59
CA LEU A 143 12.25 20.16 -18.77
C LEU A 143 12.74 19.97 -17.34
N ILE A 144 14.01 19.57 -17.19
CA ILE A 144 14.57 19.40 -15.85
C ILE A 144 14.61 20.74 -15.12
N SER A 145 15.01 21.81 -15.82
CA SER A 145 15.02 23.12 -15.17
C SER A 145 13.63 23.53 -14.72
N TYR A 146 12.62 23.26 -15.55
CA TYR A 146 11.25 23.61 -15.19
C TYR A 146 10.77 22.81 -13.98
N ASP A 147 11.11 21.53 -13.93
CA ASP A 147 10.74 20.73 -12.75
C ASP A 147 11.38 21.29 -11.49
N ARG A 148 12.67 21.65 -11.57
CA ARG A 148 13.33 22.23 -10.40
C ARG A 148 12.70 23.56 -10.00
N PHE A 149 12.31 24.38 -10.99
CA PHE A 149 11.65 25.64 -10.70
C PHE A 149 10.32 25.40 -10.00
N LEU A 150 9.57 24.40 -10.43
CA LEU A 150 8.32 24.08 -9.75
C LEU A 150 8.56 23.59 -8.33
N SER A 151 9.67 22.89 -8.08
CA SER A 151 9.87 22.31 -6.77
C SER A 151 9.92 23.35 -5.65
N VAL A 152 10.17 24.63 -5.97
CA VAL A 152 10.31 25.66 -4.97
C VAL A 152 9.17 26.68 -5.04
N THR A 153 8.28 26.55 -6.02
CA THR A 153 7.18 27.49 -6.14
C THR A 153 5.86 26.81 -5.80
N ARG A 154 5.58 25.69 -6.47
CA ARG A 154 4.45 24.83 -6.10
C ARG A 154 4.95 23.66 -5.25
N ALA A 155 5.37 24.00 -4.03
CA ALA A 155 6.06 23.03 -3.18
C ALA A 155 5.15 21.89 -2.77
N VAL A 156 3.97 22.20 -2.25
CA VAL A 156 3.08 21.15 -1.75
C VAL A 156 2.52 20.33 -2.91
N SER A 157 2.11 20.99 -3.98
CA SER A 157 1.61 20.28 -5.15
C SER A 157 2.68 19.34 -5.67
N TYR A 158 3.91 19.82 -5.74
CA TYR A 158 5.02 19.03 -6.24
C TYR A 158 5.27 17.81 -5.39
N ARG A 159 5.25 17.98 -4.07
CA ARG A 159 5.50 16.88 -3.16
C ARG A 159 4.47 15.79 -3.37
N ALA A 160 3.22 16.18 -3.58
CA ALA A 160 2.16 15.22 -3.84
C ALA A 160 2.34 14.43 -5.14
N GLN A 161 2.73 15.09 -6.21
CA GLN A 161 2.80 14.43 -7.52
C GLN A 161 4.12 13.81 -7.97
N GLN A 162 5.11 13.74 -7.08
CA GLN A 162 6.41 13.22 -7.49
C GLN A 162 6.39 11.75 -7.93
N GLY A 163 5.63 10.91 -7.26
CA GLY A 163 5.59 9.49 -7.59
C GLY A 163 5.08 9.12 -8.97
N ASP A 164 4.12 9.88 -9.50
CA ASP A 164 3.55 9.59 -10.83
C ASP A 164 4.53 9.18 -11.92
N THR A 165 4.26 8.03 -12.54
CA THR A 165 5.15 7.51 -13.57
C THR A 165 4.50 7.74 -14.92
N ARG A 166 3.23 8.12 -14.89
CA ARG A 166 2.49 8.39 -16.11
C ARG A 166 2.73 9.81 -16.59
N ARG A 167 2.70 10.79 -15.69
CA ARG A 167 2.96 12.18 -16.05
C ARG A 167 4.34 12.33 -16.65
N ALA A 168 5.35 11.70 -16.03
CA ALA A 168 6.70 11.78 -16.57
C ALA A 168 6.80 11.16 -17.95
N VAL A 169 6.13 10.03 -18.16
CA VAL A 169 6.14 9.39 -19.47
C VAL A 169 5.50 10.29 -20.51
N ARG A 170 4.39 10.92 -20.14
CA ARG A 170 3.71 11.82 -21.05
C ARG A 170 4.58 13.02 -21.42
N LYS A 171 5.28 13.58 -20.46
CA LYS A 171 6.17 14.71 -20.72
C LYS A 171 7.34 14.30 -21.61
N MET A 172 7.94 13.13 -21.34
CA MET A 172 9.05 12.67 -22.16
C MET A 172 8.61 12.42 -23.60
N LEU A 173 7.43 11.81 -23.79
CA LEU A 173 6.92 11.59 -25.13
C LEU A 173 6.69 12.91 -25.85
N LEU A 174 6.13 13.90 -25.15
CA LEU A 174 5.94 15.21 -25.77
C LEU A 174 7.27 15.82 -26.18
N VAL A 175 8.29 15.68 -25.33
CA VAL A 175 9.60 16.23 -25.66
C VAL A 175 10.14 15.60 -26.93
N TRP A 176 10.08 14.27 -27.02
CA TRP A 176 10.59 13.59 -28.21
C TRP A 176 9.80 14.00 -29.45
N VAL A 177 8.47 14.09 -29.32
CA VAL A 177 7.64 14.43 -30.47
C VAL A 177 7.97 15.83 -30.99
N LEU A 178 8.10 16.80 -30.08
CA LEU A 178 8.45 18.15 -30.49
C LEU A 178 9.85 18.18 -31.11
N ALA A 179 10.80 17.44 -30.53
CA ALA A 179 12.15 17.41 -31.08
C ALA A 179 12.14 16.91 -32.52
N PHE A 180 11.37 15.86 -32.80
CA PHE A 180 11.29 15.36 -34.16
C PHE A 180 10.59 16.36 -35.08
N LEU A 181 9.44 16.87 -34.65
CA LEU A 181 8.66 17.77 -35.52
C LEU A 181 9.45 19.03 -35.87
N LEU A 182 10.36 19.45 -35.00
CA LEU A 182 11.08 20.70 -35.27
C LEU A 182 11.93 20.59 -36.54
N TYR A 183 12.62 19.48 -36.73
CA TYR A 183 13.64 19.39 -37.78
C TYR A 183 13.43 18.27 -38.79
N GLY A 184 13.00 17.08 -38.35
CA GLY A 184 12.97 15.93 -39.23
C GLY A 184 12.23 16.15 -40.54
N PRO A 185 11.02 16.69 -40.46
CA PRO A 185 10.27 16.99 -41.70
C PRO A 185 11.02 17.93 -42.63
N ALA A 186 11.71 18.95 -42.10
CA ALA A 186 12.45 19.86 -42.96
C ALA A 186 13.68 19.20 -43.56
N ILE A 187 14.29 18.25 -42.87
CA ILE A 187 15.41 17.52 -43.46
C ILE A 187 14.85 16.68 -44.61
N LEU A 188 13.96 15.75 -44.31
CA LEU A 188 13.38 14.88 -45.33
C LEU A 188 12.54 15.52 -46.41
N SER A 189 11.64 16.43 -46.04
CA SER A 189 10.71 17.02 -47.02
C SER A 189 11.15 18.39 -47.48
N TRP A 190 12.26 18.44 -48.18
CA TRP A 190 12.80 19.70 -48.69
C TRP A 190 13.32 19.43 -50.08
N GLU A 191 13.94 18.27 -50.26
CA GLU A 191 14.43 17.90 -51.57
C GLU A 191 13.26 17.80 -52.51
N TYR A 192 12.17 17.19 -52.04
CA TYR A 192 11.01 17.02 -52.88
C TYR A 192 10.39 18.34 -53.30
N LEU A 193 10.40 19.32 -52.40
CA LEU A 193 9.86 20.64 -52.71
C LEU A 193 10.79 21.51 -53.56
N SER A 194 12.05 21.64 -53.17
CA SER A 194 12.97 22.53 -53.89
C SER A 194 13.78 21.91 -55.03
N GLY A 195 13.60 20.62 -55.28
CA GLY A 195 14.39 19.94 -56.29
C GLY A 195 15.62 19.31 -55.69
N GLY A 196 15.87 19.58 -54.40
CA GLY A 196 16.98 18.95 -53.72
C GLY A 196 18.39 19.10 -54.24
N SER A 197 19.11 17.99 -54.34
CA SER A 197 20.49 18.02 -54.81
C SER A 197 21.32 18.94 -53.92
N SER A 198 22.05 19.88 -54.52
CA SER A 198 22.89 20.80 -53.77
C SER A 198 23.93 20.07 -52.94
N ILE A 199 24.08 18.77 -53.16
CA ILE A 199 25.08 17.99 -52.45
C ILE A 199 25.98 17.32 -53.47
N PRO A 200 27.26 17.71 -53.55
CA PRO A 200 28.08 17.31 -54.70
C PRO A 200 28.22 15.81 -54.91
N GLU A 201 28.85 15.10 -53.97
CA GLU A 201 29.04 13.66 -54.16
C GLU A 201 28.36 12.83 -53.08
N GLY A 202 28.77 13.00 -51.83
CA GLY A 202 28.26 12.23 -50.72
C GLY A 202 28.11 12.98 -49.42
N HIS A 203 28.42 14.28 -49.38
CA HIS A 203 28.31 15.01 -48.13
C HIS A 203 26.89 14.93 -47.59
N CYS A 204 26.75 14.62 -46.31
CA CYS A 204 25.46 14.58 -45.66
C CYS A 204 25.28 15.84 -44.83
N TYR A 205 24.57 16.81 -45.39
CA TYR A 205 24.11 17.97 -44.63
C TYR A 205 22.82 18.47 -45.25
N ALA A 206 21.99 19.08 -44.42
CA ALA A 206 20.64 19.44 -44.84
C ALA A 206 20.67 20.41 -46.02
N GLU A 207 19.58 20.44 -46.77
CA GLU A 207 19.48 21.34 -47.91
C GLU A 207 19.54 22.80 -47.49
N PHE A 208 19.25 23.11 -46.22
CA PHE A 208 19.54 24.42 -45.67
C PHE A 208 21.02 24.46 -45.29
N PHE A 209 21.42 25.44 -44.49
CA PHE A 209 22.82 25.82 -44.25
C PHE A 209 23.29 26.84 -45.26
N TYR A 210 22.44 27.24 -46.21
CA TYR A 210 22.71 28.40 -47.05
C TYR A 210 21.54 29.37 -47.07
N ASN A 211 20.37 28.98 -46.56
CA ASN A 211 19.21 29.84 -46.39
C ASN A 211 19.08 30.16 -44.91
N TRP A 212 19.39 31.40 -44.53
CA TRP A 212 19.52 31.75 -43.13
C TRP A 212 18.21 32.04 -42.42
N TYR A 213 17.10 32.20 -43.16
CA TYR A 213 15.81 32.40 -42.50
C TYR A 213 15.39 31.18 -41.70
N PHE A 214 15.42 30.00 -42.32
CA PHE A 214 15.05 28.78 -41.60
C PHE A 214 16.04 28.50 -40.48
N LEU A 215 17.32 28.79 -40.71
CA LEU A 215 18.30 28.60 -39.65
C LEU A 215 18.00 29.49 -38.45
N ILE A 216 17.67 30.76 -38.69
CA ILE A 216 17.34 31.65 -37.57
C ILE A 216 16.11 31.14 -36.84
N THR A 217 15.07 30.76 -37.57
CA THR A 217 13.84 30.30 -36.94
C THR A 217 14.08 29.06 -36.09
N ALA A 218 14.78 28.07 -36.67
CA ALA A 218 15.04 26.83 -35.95
C ALA A 218 15.92 27.06 -34.73
N SER A 219 16.95 27.91 -34.87
CA SER A 219 17.80 28.20 -33.72
C SER A 219 17.03 28.90 -32.62
N THR A 220 16.18 29.87 -32.97
CA THR A 220 15.40 30.56 -31.96
C THR A 220 14.46 29.61 -31.23
N LEU A 221 13.82 28.70 -31.97
CA LEU A 221 12.91 27.76 -31.32
C LEU A 221 13.66 26.62 -30.63
N GLU A 222 14.95 26.46 -30.89
CA GLU A 222 15.70 25.31 -30.41
C GLU A 222 16.70 25.66 -29.31
N PHE A 223 17.36 26.82 -29.41
CA PHE A 223 18.38 27.18 -28.44
C PHE A 223 18.07 28.46 -27.68
N PHE A 224 17.80 29.57 -28.37
CA PHE A 224 17.69 30.85 -27.67
C PHE A 224 16.54 30.83 -26.67
N THR A 225 15.37 30.38 -27.09
CA THR A 225 14.24 30.29 -26.17
C THR A 225 14.52 29.34 -25.01
N PRO A 226 14.96 28.10 -25.24
CA PRO A 226 15.29 27.22 -24.11
C PRO A 226 16.41 27.75 -23.24
N PHE A 227 17.40 28.42 -23.83
CA PHE A 227 18.48 28.98 -23.02
C PHE A 227 17.95 30.07 -22.10
N LEU A 228 17.12 30.97 -22.63
CA LEU A 228 16.54 32.01 -21.79
C LEU A 228 15.65 31.42 -20.71
N SER A 229 14.87 30.39 -21.04
CA SER A 229 14.02 29.78 -20.04
C SER A 229 14.84 29.10 -18.94
N VAL A 230 15.93 28.42 -19.30
CA VAL A 230 16.78 27.80 -18.30
C VAL A 230 17.40 28.86 -17.40
N THR A 231 17.87 29.96 -17.99
CA THR A 231 18.43 31.04 -17.18
C THR A 231 17.40 31.59 -16.21
N PHE A 232 16.18 31.83 -16.69
CA PHE A 232 15.13 32.36 -15.83
C PHE A 232 14.81 31.41 -14.69
N PHE A 233 14.67 30.12 -14.98
CA PHE A 233 14.34 29.15 -13.94
C PHE A 233 15.45 29.06 -12.89
N ASN A 234 16.71 28.98 -13.33
CA ASN A 234 17.80 28.87 -12.36
C ASN A 234 17.92 30.13 -11.52
N LEU A 235 17.75 31.31 -12.14
CA LEU A 235 17.80 32.55 -11.36
C LEU A 235 16.66 32.62 -10.35
N SER A 236 15.46 32.19 -10.74
CA SER A 236 14.34 32.18 -9.80
C SER A 236 14.62 31.25 -8.64
N ILE A 237 15.18 30.07 -8.91
CA ILE A 237 15.51 29.15 -7.82
C ILE A 237 16.51 29.79 -6.87
N TYR A 238 17.55 30.41 -7.42
CA TYR A 238 18.57 31.03 -6.57
C TYR A 238 17.97 32.14 -5.72
N LEU A 239 17.15 32.99 -6.32
CA LEU A 239 16.55 34.09 -5.58
C LEU A 239 15.63 33.60 -4.47
N ASN A 240 14.80 32.59 -4.75
CA ASN A 240 13.93 32.06 -3.71
C ASN A 240 14.73 31.45 -2.57
N ILE A 241 15.79 30.68 -2.89
CA ILE A 241 16.61 30.10 -1.84
C ILE A 241 17.23 31.21 -0.99
N GLN A 242 17.75 32.26 -1.62
CA GLN A 242 18.37 33.34 -0.85
C GLN A 242 17.35 34.02 0.04
N ARG A 243 16.15 34.29 -0.48
CA ARG A 243 15.13 34.94 0.33
C ARG A 243 14.76 34.09 1.54
N ARG A 244 14.57 32.79 1.38
CA ARG A 244 14.11 31.98 2.52
C ARG A 244 15.17 31.88 3.62
N THR A 245 16.42 31.71 3.21
CA THR A 245 17.51 31.59 4.19
C THR A 245 17.61 32.88 4.99
N ARG A 246 17.45 34.01 4.32
CA ARG A 246 17.54 35.29 5.00
C ARG A 246 16.46 35.39 6.07
N LEU A 247 15.24 34.99 5.72
CA LEU A 247 14.15 35.03 6.68
C LEU A 247 14.42 34.11 7.86
N ARG A 248 14.95 32.93 7.59
CA ARG A 248 15.26 32.01 8.68
C ARG A 248 16.32 32.60 9.60
N LEU A 249 17.34 33.25 9.04
CA LEU A 249 18.37 33.88 9.84
C LEU A 249 17.80 35.00 10.69
N ASP A 250 16.87 35.77 10.12
CA ASP A 250 16.22 36.83 10.87
C ASP A 250 15.45 36.24 12.03
N GLY A 251 14.78 35.12 11.80
CA GLY A 251 14.06 34.46 12.88
C GLY A 251 14.99 33.94 13.95
N SER A 359 26.42 30.04 14.07
CA SER A 359 26.58 28.69 14.60
C SER A 359 26.89 27.72 13.49
N PHE A 360 27.15 26.46 13.84
CA PHE A 360 27.49 25.46 12.84
C PHE A 360 26.32 25.27 11.89
N THR A 361 25.11 25.23 12.42
CA THR A 361 23.94 25.04 11.58
C THR A 361 23.78 26.22 10.62
N GLN A 362 24.02 27.44 11.09
CA GLN A 362 23.95 28.60 10.22
C GLN A 362 24.98 28.50 9.11
N ARG A 363 26.25 28.33 9.47
CA ARG A 363 27.29 28.14 8.46
C ARG A 363 26.95 27.03 7.50
N PHE A 364 26.33 25.95 7.98
CA PHE A 364 26.01 24.82 7.11
C PHE A 364 24.99 25.22 6.05
N ARG A 365 23.95 25.95 6.45
CA ARG A 365 22.92 26.36 5.50
C ARG A 365 23.52 27.27 4.44
N LEU A 366 24.35 28.21 4.86
CA LEU A 366 24.98 29.13 3.92
C LEU A 366 25.93 28.41 2.99
N SER A 367 26.68 27.44 3.50
CA SER A 367 27.59 26.68 2.65
C SER A 367 26.82 25.91 1.60
N ARG A 368 25.71 25.31 2.00
CA ARG A 368 24.89 24.59 1.05
C ARG A 368 24.31 25.52 -0.01
N ASP A 369 23.90 26.71 0.40
CA ASP A 369 23.38 27.67 -0.54
C ASP A 369 24.45 28.05 -1.54
N ARG A 370 25.68 28.23 -1.07
CA ARG A 370 26.78 28.58 -1.96
C ARG A 370 27.02 27.45 -2.95
N LYS A 371 26.94 26.22 -2.47
CA LYS A 371 27.13 25.08 -3.34
C LYS A 371 26.06 25.07 -4.43
N VAL A 372 24.81 25.34 -4.04
CA VAL A 372 23.73 25.39 -5.03
C VAL A 372 23.94 26.51 -6.04
N ALA A 373 24.42 27.65 -5.58
CA ALA A 373 24.67 28.76 -6.47
C ALA A 373 25.74 28.38 -7.48
N LYS A 374 26.79 27.70 -7.03
CA LYS A 374 27.80 27.25 -7.97
C LYS A 374 27.23 26.25 -8.96
N SER A 375 26.39 25.33 -8.48
CA SER A 375 25.79 24.33 -9.36
C SER A 375 24.94 24.94 -10.46
N LEU A 376 23.97 25.77 -10.09
CA LEU A 376 23.10 26.41 -11.08
C LEU A 376 23.91 27.19 -12.11
N ALA A 377 24.90 27.96 -11.64
CA ALA A 377 25.73 28.73 -12.56
C ALA A 377 26.45 27.82 -13.52
N VAL A 378 27.01 26.71 -13.02
CA VAL A 378 27.73 25.78 -13.88
C VAL A 378 26.82 25.19 -14.92
N ILE A 379 25.61 24.78 -14.52
CA ILE A 379 24.68 24.19 -15.49
C ILE A 379 24.40 25.16 -16.61
N VAL A 380 24.01 26.39 -16.27
CA VAL A 380 23.65 27.36 -17.30
C VAL A 380 24.85 27.66 -18.19
N SER A 381 26.02 27.89 -17.58
CA SER A 381 27.19 28.28 -18.35
C SER A 381 27.61 27.17 -19.31
N ILE A 382 27.61 25.92 -18.84
CA ILE A 382 28.03 24.83 -19.71
C ILE A 382 27.07 24.67 -20.87
N PHE A 383 25.76 24.67 -20.61
CA PHE A 383 24.80 24.52 -21.69
C PHE A 383 24.99 25.62 -22.74
N GLY A 384 25.02 26.87 -22.28
CA GLY A 384 25.16 27.98 -23.23
C GLY A 384 26.46 27.93 -24.00
N LEU A 385 27.55 27.65 -23.32
CA LEU A 385 28.86 27.62 -23.96
C LEU A 385 29.01 26.55 -25.03
N CYS A 386 28.55 25.34 -24.75
CA CYS A 386 28.61 24.28 -25.74
C CYS A 386 27.75 24.52 -26.97
N TRP A 387 26.55 25.03 -26.79
CA TRP A 387 25.63 25.20 -27.92
C TRP A 387 25.68 26.51 -28.69
N ALA A 388 25.77 27.65 -28.00
CA ALA A 388 25.69 28.92 -28.72
C ALA A 388 26.72 29.07 -29.83
N PRO A 389 27.99 28.68 -29.65
CA PRO A 389 28.97 28.92 -30.73
C PRO A 389 28.59 28.28 -32.05
N TYR A 390 28.18 27.01 -32.05
CA TYR A 390 27.82 26.36 -33.31
C TYR A 390 26.61 27.03 -33.95
N THR A 391 25.59 27.35 -33.15
CA THR A 391 24.41 28.00 -33.70
C THR A 391 24.77 29.32 -34.38
N LEU A 392 25.50 30.18 -33.68
CA LEU A 392 25.87 31.46 -34.26
C LEU A 392 26.76 31.29 -35.49
N LEU A 393 27.69 30.34 -35.46
CA LEU A 393 28.57 30.14 -36.61
C LEU A 393 27.79 29.67 -37.82
N MET A 394 26.86 28.73 -37.64
CA MET A 394 26.09 28.27 -38.79
C MET A 394 25.21 29.37 -39.34
N ILE A 395 24.60 30.19 -38.48
CA ILE A 395 23.80 31.30 -38.98
C ILE A 395 24.68 32.29 -39.75
N ILE A 396 25.87 32.58 -39.23
CA ILE A 396 26.77 33.51 -39.91
C ILE A 396 27.18 32.97 -41.27
N ARG A 397 27.48 31.68 -41.33
CA ARG A 397 27.86 31.06 -42.60
C ARG A 397 26.80 31.27 -43.67
N ALA A 398 25.55 30.98 -43.35
CA ALA A 398 24.49 31.06 -44.34
C ALA A 398 24.23 32.46 -44.91
N ALA A 399 24.20 33.47 -44.04
CA ALA A 399 24.02 34.84 -44.50
C ALA A 399 25.19 35.25 -45.38
N CYS A 400 26.37 34.69 -45.10
CA CYS A 400 27.55 34.98 -45.90
C CYS A 400 27.61 34.05 -47.11
N HIS A 401 26.67 33.11 -47.19
CA HIS A 401 26.65 32.16 -48.30
C HIS A 401 27.93 31.34 -48.43
N GLY A 402 28.46 30.88 -47.30
CA GLY A 402 29.66 30.05 -47.33
C GLY A 402 30.90 30.85 -47.03
N HIS A 403 30.80 32.17 -47.18
CA HIS A 403 31.94 33.04 -46.93
C HIS A 403 32.06 33.33 -45.43
N CYS A 404 33.07 34.11 -45.05
CA CYS A 404 33.31 34.61 -43.68
C CYS A 404 33.88 33.63 -42.66
N VAL A 405 33.40 32.40 -42.64
CA VAL A 405 33.86 31.44 -41.66
C VAL A 405 35.01 30.54 -42.09
N PRO A 406 36.10 30.51 -41.31
CA PRO A 406 37.17 29.58 -41.63
C PRO A 406 36.67 28.14 -41.51
N ASP A 407 37.18 27.24 -42.32
CA ASP A 407 36.68 25.86 -42.31
C ASP A 407 36.92 25.19 -40.97
N TYR A 408 38.07 25.44 -40.36
CA TYR A 408 38.40 24.79 -39.10
C TYR A 408 37.42 25.15 -37.99
N TRP A 409 36.98 26.40 -37.96
CA TRP A 409 36.03 26.83 -36.95
C TRP A 409 34.70 26.11 -37.03
N TYR A 410 34.19 25.88 -38.23
CA TYR A 410 32.89 25.23 -38.38
C TYR A 410 32.92 23.84 -37.80
N GLU A 411 33.99 23.10 -38.05
CA GLU A 411 34.11 21.75 -37.56
C GLU A 411 34.23 21.73 -36.04
N THR A 412 35.01 22.66 -35.48
CA THR A 412 35.19 22.69 -34.03
C THR A 412 33.88 22.97 -33.31
N SER A 413 33.07 23.89 -33.84
CA SER A 413 31.79 24.18 -33.24
C SER A 413 30.88 22.97 -33.31
N PHE A 414 30.96 22.22 -34.40
CA PHE A 414 30.14 21.02 -34.58
C PHE A 414 30.45 20.01 -33.49
N TRP A 415 31.73 19.82 -33.18
CA TRP A 415 32.10 18.82 -32.20
C TRP A 415 31.88 19.24 -30.76
N LEU A 416 31.68 20.54 -30.53
CA LEU A 416 31.38 21.05 -29.18
C LEU A 416 29.99 20.66 -28.70
N LEU A 417 29.00 20.66 -29.58
CA LEU A 417 27.66 20.22 -29.18
C LEU A 417 27.68 18.76 -28.74
N TRP A 418 28.44 17.91 -29.41
CA TRP A 418 28.57 16.50 -29.01
C TRP A 418 29.30 16.42 -27.67
N ALA A 419 30.27 17.30 -27.45
CA ALA A 419 30.93 17.31 -26.16
C ALA A 419 29.93 17.57 -25.03
N ASN A 420 28.90 18.35 -25.31
CA ASN A 420 27.86 18.60 -24.31
C ASN A 420 27.13 17.33 -23.94
N SER A 421 26.83 16.51 -24.94
CA SER A 421 26.15 15.25 -24.67
C SER A 421 27.06 14.33 -23.92
N ALA A 422 28.37 14.51 -24.11
CA ALA A 422 29.30 13.69 -23.32
C ALA A 422 29.39 14.17 -21.88
N VAL A 423 29.39 15.49 -21.67
CA VAL A 423 29.60 16.02 -20.32
C VAL A 423 28.32 16.00 -19.50
N ASN A 424 27.15 15.90 -20.14
CA ASN A 424 25.88 15.94 -19.41
C ASN A 424 25.80 14.98 -18.22
N PRO A 425 26.20 13.71 -18.34
CA PRO A 425 26.08 12.81 -17.18
C PRO A 425 26.82 13.31 -15.95
N VAL A 426 27.90 14.07 -16.13
CA VAL A 426 28.64 14.59 -14.99
C VAL A 426 27.79 15.56 -14.19
N LEU A 427 27.04 16.43 -14.87
CA LEU A 427 26.33 17.49 -14.16
C LEU A 427 25.07 17.00 -13.47
N TYR A 428 24.09 16.53 -14.23
CA TYR A 428 22.79 16.22 -13.66
C TYR A 428 22.80 14.92 -12.86
N PRO A 429 23.03 13.78 -13.50
CA PRO A 429 22.93 12.50 -12.76
C PRO A 429 23.90 12.36 -11.61
N LEU A 430 25.11 12.89 -11.73
CA LEU A 430 26.13 12.68 -10.71
C LEU A 430 25.93 13.52 -9.46
N CYS A 431 25.17 14.61 -9.55
CA CYS A 431 24.89 15.44 -8.39
C CYS A 431 23.65 15.00 -7.63
N HIS A 432 22.76 14.26 -8.28
CA HIS A 432 21.61 13.68 -7.59
C HIS A 432 22.09 12.71 -6.52
N HIS A 433 21.53 12.82 -5.32
CA HIS A 433 21.95 11.93 -4.23
C HIS A 433 21.43 10.51 -4.40
N SER A 434 20.22 10.35 -4.96
CA SER A 434 19.72 9.01 -5.20
C SER A 434 20.52 8.27 -6.27
N PHE A 435 20.91 8.97 -7.34
CA PHE A 435 21.76 8.33 -8.34
C PHE A 435 23.13 8.00 -7.76
N ARG A 436 23.66 8.86 -6.89
CA ARG A 436 24.91 8.53 -6.20
C ARG A 436 24.75 7.26 -5.36
N ARG A 437 23.63 7.15 -4.64
CA ARG A 437 23.38 5.97 -3.83
C ARG A 437 23.31 4.71 -4.71
N ALA A 438 22.62 4.81 -5.84
CA ALA A 438 22.54 3.66 -6.75
C ALA A 438 23.91 3.28 -7.29
N PHE A 439 24.71 4.29 -7.66
CA PHE A 439 26.06 4.00 -8.14
C PHE A 439 26.90 3.31 -7.08
N THR A 440 26.81 3.79 -5.83
CA THR A 440 27.54 3.14 -4.74
C THR A 440 27.06 1.71 -4.55
N LYS A 441 25.75 1.48 -4.68
CA LYS A 441 25.23 0.12 -4.57
C LYS A 441 25.81 -0.77 -5.66
N LEU A 442 25.95 -0.24 -6.87
CA LEU A 442 26.55 -1.03 -7.94
C LEU A 442 27.97 -1.45 -7.57
N LEU A 443 28.75 -0.54 -6.99
CA LEU A 443 30.11 -0.88 -6.55
C LEU A 443 30.09 -1.89 -5.41
N CYS B 3 -13.04 -13.87 -23.86
CA CYS B 3 -11.61 -13.73 -23.56
C CYS B 3 -11.22 -14.64 -22.40
N THR B 4 -11.87 -15.79 -22.32
CA THR B 4 -11.66 -16.82 -21.31
C THR B 4 -12.33 -16.48 -19.98
N LEU B 5 -13.02 -15.35 -19.88
CA LEU B 5 -13.73 -14.96 -18.67
C LEU B 5 -15.24 -15.04 -18.89
N SER B 6 -15.94 -15.47 -17.85
CA SER B 6 -17.39 -15.46 -17.90
C SER B 6 -17.91 -14.06 -17.64
N ALA B 7 -19.23 -13.89 -17.75
CA ALA B 7 -19.82 -12.58 -17.54
C ALA B 7 -19.60 -12.09 -16.12
N GLU B 8 -19.78 -12.96 -15.14
CA GLU B 8 -19.59 -12.58 -13.74
C GLU B 8 -18.13 -12.25 -13.42
N ASP B 9 -17.17 -12.96 -14.02
CA ASP B 9 -15.76 -12.62 -13.86
C ASP B 9 -15.44 -11.23 -14.41
N LYS B 10 -16.00 -10.88 -15.56
CA LYS B 10 -15.80 -9.54 -16.10
C LYS B 10 -16.43 -8.48 -15.21
N ALA B 11 -17.61 -8.78 -14.64
CA ALA B 11 -18.23 -7.85 -13.71
C ALA B 11 -17.36 -7.65 -12.47
N ALA B 12 -16.78 -8.73 -11.95
CA ALA B 12 -15.90 -8.61 -10.79
C ALA B 12 -14.65 -7.81 -11.12
N VAL B 13 -14.08 -8.01 -12.31
CA VAL B 13 -12.90 -7.24 -12.71
C VAL B 13 -13.23 -5.76 -12.82
N GLU B 14 -14.41 -5.44 -13.36
CA GLU B 14 -14.81 -4.03 -13.43
C GLU B 14 -14.99 -3.43 -12.04
N ARG B 15 -15.53 -4.21 -11.11
CA ARG B 15 -15.62 -3.77 -9.72
C ARG B 15 -14.24 -3.49 -9.14
N SER B 16 -13.27 -4.36 -9.43
CA SER B 16 -11.91 -4.13 -8.95
C SER B 16 -11.32 -2.85 -9.52
N LYS B 17 -11.59 -2.58 -10.80
CA LYS B 17 -11.07 -1.35 -11.41
C LYS B 17 -11.68 -0.12 -10.76
N MET B 18 -12.97 -0.15 -10.45
CA MET B 18 -13.58 0.97 -9.73
C MET B 18 -12.96 1.14 -8.35
N ILE B 19 -12.69 0.06 -7.66
CA ILE B 19 -12.04 0.15 -6.36
C ILE B 19 -10.66 0.78 -6.47
N ASP B 20 -9.89 0.40 -7.48
CA ASP B 20 -8.57 0.98 -7.68
C ASP B 20 -8.66 2.45 -7.95
N ARG B 21 -9.64 2.86 -8.73
CA ARG B 21 -9.84 4.26 -9.01
C ARG B 21 -10.09 5.03 -7.74
N ASN B 22 -10.97 4.53 -6.89
CA ASN B 22 -11.23 5.18 -5.61
C ASN B 22 -9.99 5.23 -4.73
N LEU B 23 -9.22 4.14 -4.69
CA LEU B 23 -8.00 4.14 -3.89
C LEU B 23 -7.02 5.19 -4.38
N ARG B 24 -6.85 5.31 -5.70
CA ARG B 24 -5.96 6.34 -6.23
C ARG B 24 -6.43 7.74 -5.85
N GLU B 25 -7.74 8.00 -5.95
CA GLU B 25 -8.23 9.32 -5.58
C GLU B 25 -7.97 9.62 -4.11
N ASP B 26 -8.24 8.65 -3.23
CA ASP B 26 -8.01 8.87 -1.81
C ASP B 26 -6.53 9.10 -1.51
N GLY B 27 -5.65 8.33 -2.17
CA GLY B 27 -4.23 8.55 -1.97
C GLY B 27 -3.77 9.92 -2.44
N GLU B 28 -4.30 10.37 -3.58
CA GLU B 28 -3.96 11.71 -4.07
C GLU B 28 -4.41 12.77 -3.08
N LYS B 29 -5.60 12.62 -2.51
CA LYS B 29 -6.06 13.59 -1.53
C LYS B 29 -5.20 13.55 -0.26
N ALA B 30 -4.78 12.37 0.16
CA ALA B 30 -4.01 12.24 1.40
C ALA B 30 -2.57 12.70 1.23
N ALA B 31 -2.02 12.62 0.02
CA ALA B 31 -0.63 13.01 -0.20
C ALA B 31 -0.43 14.52 -0.06
N ARG B 32 -1.50 15.31 -0.10
CA ARG B 32 -1.40 16.75 -0.01
C ARG B 32 -1.51 17.27 1.42
N GLU B 33 -1.67 16.40 2.39
CA GLU B 33 -1.85 16.82 3.77
C GLU B 33 -0.51 16.81 4.51
N VAL B 34 -0.36 17.74 5.44
CA VAL B 34 0.85 17.91 6.22
C VAL B 34 0.62 17.25 7.58
N LYS B 35 1.35 16.17 7.84
CA LYS B 35 1.19 15.40 9.07
C LYS B 35 2.23 15.84 10.09
N LEU B 36 1.77 16.22 11.28
CA LEU B 36 2.64 16.69 12.35
C LEU B 36 2.47 15.78 13.56
N LEU B 37 3.56 15.51 14.26
CA LEU B 37 3.53 14.68 15.46
C LEU B 37 3.81 15.54 16.68
N LEU B 38 2.86 15.59 17.61
CA LEU B 38 2.93 16.48 18.76
C LEU B 38 3.43 15.71 19.98
N LEU B 39 4.50 16.20 20.59
CA LEU B 39 5.13 15.57 21.73
C LEU B 39 5.37 16.59 22.84
N GLY B 40 5.44 16.09 24.06
CA GLY B 40 5.67 16.93 25.22
C GLY B 40 5.79 16.07 26.45
N ALA B 41 6.30 16.69 27.52
CA ALA B 41 6.52 16.00 28.79
C ALA B 41 5.33 16.25 29.73
N GLY B 42 4.23 15.57 29.44
CA GLY B 42 3.06 15.69 30.29
C GLY B 42 2.44 17.08 30.20
N GLU B 43 2.20 17.67 31.37
CA GLU B 43 1.58 18.99 31.47
C GLU B 43 2.62 20.07 31.17
N SER B 44 2.96 20.18 29.89
CA SER B 44 3.98 21.10 29.42
C SER B 44 3.43 22.21 28.54
N GLY B 45 2.14 22.51 28.65
CA GLY B 45 1.52 23.50 27.79
C GLY B 45 1.06 23.00 26.44
N LYS B 46 1.20 21.69 26.21
CA LYS B 46 0.79 21.10 24.95
C LYS B 46 -0.66 21.40 24.67
N ASN B 47 -1.52 21.30 25.67
CA ASN B 47 -2.95 21.53 25.51
C ASN B 47 -3.24 22.97 25.10
N THR B 48 -2.50 23.94 25.66
CA THR B 48 -2.67 25.32 25.23
C THR B 48 -2.31 25.48 23.76
N ILE B 49 -1.24 24.83 23.31
CA ILE B 49 -0.87 24.87 21.90
C ILE B 49 -2.00 24.30 21.05
N VAL B 50 -2.56 23.18 21.48
CA VAL B 50 -3.65 22.57 20.73
C VAL B 50 -4.81 23.54 20.62
N LYS B 51 -5.20 24.13 21.75
CA LYS B 51 -6.35 25.04 21.76
C LYS B 51 -6.11 26.23 20.85
N GLN B 52 -4.91 26.80 20.92
CA GLN B 52 -4.58 27.96 20.10
C GLN B 52 -4.56 27.65 18.60
N MET B 53 -4.01 26.50 18.23
CA MET B 53 -3.88 26.18 16.82
C MET B 53 -5.19 25.72 16.20
N LYS B 54 -6.05 25.07 16.99
CA LYS B 54 -7.36 24.64 16.49
C LYS B 54 -8.40 25.73 16.65
N THR B 182 -8.46 5.55 25.44
CA THR B 182 -7.49 6.64 25.49
C THR B 182 -6.27 6.34 24.61
N GLY B 183 -6.44 6.51 23.30
CA GLY B 183 -5.37 6.25 22.38
C GLY B 183 -4.80 7.51 21.76
N ILE B 184 -4.52 7.47 20.46
CA ILE B 184 -4.02 8.63 19.74
C ILE B 184 -5.15 9.62 19.54
N VAL B 185 -4.83 10.91 19.48
CA VAL B 185 -5.84 11.95 19.25
C VAL B 185 -5.44 12.78 18.04
N GLU B 186 -6.36 13.03 17.12
CA GLU B 186 -6.06 13.77 15.90
C GLU B 186 -6.81 15.08 15.74
N THR B 187 -6.09 16.14 15.38
CA THR B 187 -6.69 17.46 15.20
C THR B 187 -6.48 17.85 13.75
N HIS B 188 -7.50 18.44 13.13
CA HIS B 188 -7.38 18.86 11.75
C HIS B 188 -7.61 20.36 11.64
N PHE B 189 -6.70 21.06 10.96
CA PHE B 189 -6.88 22.50 10.76
C PHE B 189 -6.29 22.95 9.43
N THR B 190 -6.76 24.06 8.90
CA THR B 190 -6.30 24.53 7.59
C THR B 190 -5.79 25.95 7.65
N PHE B 191 -4.57 26.17 7.19
CA PHE B 191 -4.05 27.54 7.13
C PHE B 191 -3.52 27.85 5.75
N LYS B 192 -3.98 28.94 5.14
CA LYS B 192 -3.48 29.35 3.82
C LYS B 192 -3.54 28.24 2.80
N ASP B 193 -4.64 27.49 2.77
CA ASP B 193 -4.82 26.38 1.82
C ASP B 193 -3.94 25.15 2.09
N LEU B 194 -3.42 25.02 3.30
CA LEU B 194 -2.65 23.84 3.64
C LEU B 194 -3.38 23.13 4.74
N HIS B 195 -3.60 21.83 4.57
CA HIS B 195 -4.28 21.05 5.59
C HIS B 195 -3.31 20.36 6.52
N PHE B 196 -3.43 20.62 7.81
CA PHE B 196 -2.52 20.04 8.77
C PHE B 196 -3.22 19.00 9.63
N LYS B 197 -2.63 17.82 9.76
CA LYS B 197 -3.18 16.83 10.66
C LYS B 197 -2.22 16.66 11.80
N MET B 198 -2.65 16.95 13.01
CA MET B 198 -1.76 16.88 14.16
C MET B 198 -2.10 15.67 15.00
N PHE B 199 -1.12 14.84 15.29
CA PHE B 199 -1.34 13.62 16.05
C PHE B 199 -0.71 13.77 17.43
N ASP B 200 -1.54 13.78 18.46
CA ASP B 200 -1.09 13.80 19.84
C ASP B 200 -1.08 12.37 20.36
N VAL B 201 0.10 11.89 20.73
CA VAL B 201 0.29 10.51 21.15
C VAL B 201 0.57 10.42 22.65
N GLY B 202 0.17 11.43 23.42
CA GLY B 202 0.18 11.32 24.85
C GLY B 202 -0.89 10.37 25.32
N ALA B 203 -0.86 10.07 26.62
CA ALA B 203 -1.80 9.12 27.21
C ALA B 203 -1.64 7.74 26.60
N GLN B 204 -0.39 7.38 26.28
CA GLN B 204 -0.02 6.02 25.87
C GLN B 204 1.14 5.59 26.76
N ARG B 205 0.80 5.06 27.95
CA ARG B 205 1.82 4.65 28.92
C ARG B 205 2.25 3.21 28.60
N SER B 206 2.78 3.03 27.39
CA SER B 206 3.26 1.72 26.96
C SER B 206 4.62 1.99 26.33
N GLU B 207 5.36 0.94 25.95
CA GLU B 207 6.70 1.15 25.42
C GLU B 207 6.63 1.93 24.13
N ARG B 208 7.48 2.93 23.98
CA ARG B 208 7.41 3.79 22.81
C ARG B 208 8.08 3.14 21.61
N LYS B 209 9.13 2.37 21.86
CA LYS B 209 9.86 1.80 20.74
C LYS B 209 9.01 0.88 19.86
N LYS B 210 7.90 0.37 20.39
CA LYS B 210 7.08 -0.58 19.65
C LYS B 210 6.10 0.10 18.70
N TRP B 211 5.86 1.40 18.84
CA TRP B 211 4.95 2.10 17.94
C TRP B 211 5.49 3.41 17.40
N ILE B 212 6.70 3.83 17.74
CA ILE B 212 7.21 5.10 17.24
C ILE B 212 7.47 5.02 15.74
N HIS B 213 7.90 3.85 15.25
CA HIS B 213 8.20 3.70 13.83
C HIS B 213 6.97 3.90 12.95
N CYS B 214 5.78 3.87 13.53
CA CYS B 214 4.58 4.10 12.73
C CYS B 214 4.41 5.57 12.36
N PHE B 215 5.22 6.46 12.93
CA PHE B 215 5.25 7.87 12.55
C PHE B 215 6.49 8.23 11.77
N GLU B 216 7.13 7.27 11.12
CA GLU B 216 8.40 7.54 10.42
C GLU B 216 8.29 8.56 9.31
N GLY B 217 7.15 8.65 8.65
CA GLY B 217 6.99 9.55 7.52
C GLY B 217 6.42 10.93 7.79
N VAL B 218 6.27 11.28 9.06
CA VAL B 218 5.67 12.56 9.44
C VAL B 218 6.52 13.75 8.94
N THR B 219 5.87 14.82 8.50
CA THR B 219 6.58 16.00 8.02
C THR B 219 7.43 16.66 9.11
N ALA B 220 6.86 16.80 10.30
CA ALA B 220 7.58 17.45 11.38
C ALA B 220 7.12 17.06 12.78
N ILE B 221 7.98 17.25 13.77
CA ILE B 221 7.67 16.93 15.15
C ILE B 221 7.57 18.24 15.93
N ILE B 222 6.39 18.52 16.47
CA ILE B 222 6.18 19.70 17.31
C ILE B 222 6.39 19.29 18.76
N PHE B 223 7.41 19.84 19.38
CA PHE B 223 7.80 19.48 20.74
C PHE B 223 7.55 20.65 21.66
N CYS B 224 6.78 20.42 22.74
CA CYS B 224 6.39 21.47 23.65
C CYS B 224 7.12 21.33 24.98
N VAL B 225 7.69 22.43 25.46
CA VAL B 225 8.41 22.48 26.73
C VAL B 225 7.92 23.68 27.52
N ALA B 226 7.60 23.47 28.78
CA ALA B 226 7.19 24.57 29.65
C ALA B 226 8.40 25.18 30.35
N LEU B 227 8.51 26.51 30.26
CA LEU B 227 9.68 27.20 30.79
C LEU B 227 9.68 27.30 32.30
N SER B 228 8.54 27.15 32.95
CA SER B 228 8.47 27.20 34.41
C SER B 228 8.98 25.93 35.07
N ASP B 229 9.09 24.82 34.32
CA ASP B 229 9.50 23.56 34.92
C ASP B 229 10.89 23.64 35.54
N TYR B 230 11.69 24.64 35.17
CA TYR B 230 13.01 24.77 35.78
C TYR B 230 12.92 24.95 37.28
N ASP B 231 11.75 25.38 37.78
CA ASP B 231 11.56 25.61 39.21
C ASP B 231 10.63 24.56 39.83
N LEU B 232 10.45 23.43 39.16
CA LEU B 232 9.56 22.38 39.63
C LEU B 232 10.23 21.02 39.50
N VAL B 233 9.67 20.03 40.21
CA VAL B 233 10.16 18.66 40.17
C VAL B 233 8.98 17.74 39.87
N LEU B 234 9.29 16.55 39.39
CA LEU B 234 8.26 15.58 39.06
C LEU B 234 7.53 15.14 40.33
N ALA B 235 6.21 15.01 40.22
CA ALA B 235 5.42 14.52 41.35
C ALA B 235 5.79 13.10 41.71
N GLU B 236 6.00 12.25 40.70
CA GLU B 236 6.39 10.87 40.94
C GLU B 236 7.79 10.75 41.52
N ASP B 237 8.64 11.77 41.30
CA ASP B 237 10.02 11.72 41.78
C ASP B 237 10.44 13.17 42.05
N GLU B 238 10.37 13.58 43.32
CA GLU B 238 10.69 14.96 43.69
C GLU B 238 12.17 15.29 43.54
N GLU B 239 13.03 14.28 43.41
CA GLU B 239 14.46 14.51 43.22
C GLU B 239 14.84 14.71 41.77
N MET B 240 13.86 14.62 40.88
CA MET B 240 14.14 14.79 39.46
C MET B 240 13.55 16.12 39.04
N ASN B 241 14.31 16.96 38.35
CA ASN B 241 13.79 18.23 37.86
C ASN B 241 13.04 18.04 36.55
N ARG B 242 11.89 18.68 36.42
CA ARG B 242 11.08 18.52 35.22
C ARG B 242 11.80 18.94 33.95
N MET B 243 12.66 19.95 34.03
CA MET B 243 13.43 20.38 32.87
C MET B 243 14.37 19.29 32.39
N HIS B 244 15.01 18.57 33.30
CA HIS B 244 15.86 17.46 32.90
C HIS B 244 15.08 16.34 32.24
N ALA B 245 13.86 16.05 32.73
CA ALA B 245 13.02 15.06 32.07
C ALA B 245 12.66 15.51 30.66
N SER B 246 12.32 16.79 30.49
CA SER B 246 12.02 17.30 29.17
C SER B 246 13.23 17.20 28.25
N MET B 247 14.41 17.52 28.75
CA MET B 247 15.61 17.43 27.94
C MET B 247 15.91 15.98 27.56
N LYS B 248 15.71 15.04 28.49
CA LYS B 248 15.91 13.64 28.17
C LYS B 248 14.95 13.17 27.08
N LEU B 249 13.67 13.54 27.20
CA LEU B 249 12.71 13.14 26.18
C LEU B 249 13.03 13.77 24.83
N PHE B 250 13.46 15.03 24.83
CA PHE B 250 13.85 15.69 23.58
C PHE B 250 15.03 15.00 22.96
N ASP B 251 16.03 14.68 23.76
CA ASP B 251 17.23 14.02 23.25
C ASP B 251 16.89 12.67 22.66
N SER B 252 15.99 11.94 23.31
CA SER B 252 15.58 10.63 22.80
C SER B 252 14.83 10.77 21.48
N ILE B 253 13.96 11.77 21.39
CA ILE B 253 13.17 11.93 20.18
C ILE B 253 14.03 12.37 19.00
N CYS B 254 14.88 13.40 19.21
CA CYS B 254 15.63 13.95 18.09
C CYS B 254 16.69 13.00 17.56
N ASN B 255 17.35 12.24 18.44
CA ASN B 255 18.40 11.31 18.04
C ASN B 255 17.87 9.92 17.76
N ASN B 256 16.55 9.76 17.72
CA ASN B 256 15.95 8.48 17.37
C ASN B 256 16.28 8.12 15.92
N LYS B 257 16.40 6.82 15.67
CA LYS B 257 16.83 6.36 14.35
C LYS B 257 15.75 6.48 13.29
N TRP B 258 14.49 6.56 13.70
CA TRP B 258 13.41 6.71 12.74
C TRP B 258 13.24 8.15 12.28
N PHE B 259 13.83 9.09 13.00
CA PHE B 259 13.65 10.50 12.68
C PHE B 259 14.96 11.18 12.38
N THR B 260 15.82 10.56 11.60
CA THR B 260 17.12 11.14 11.29
C THR B 260 17.01 12.45 10.52
N ASP B 261 16.08 12.52 9.58
CA ASP B 261 15.91 13.72 8.77
C ASP B 261 14.61 14.49 9.01
N THR B 262 13.94 14.22 10.13
CA THR B 262 12.68 14.87 10.42
C THR B 262 12.95 16.10 11.27
N SER B 263 12.43 17.26 10.85
CA SER B 263 12.70 18.49 11.57
C SER B 263 11.79 18.63 12.78
N ILE B 264 12.22 19.46 13.73
CA ILE B 264 11.55 19.65 15.01
C ILE B 264 11.19 21.11 15.15
N ILE B 265 9.93 21.38 15.49
CA ILE B 265 9.44 22.71 15.79
C ILE B 265 9.28 22.78 17.30
N LEU B 266 10.09 23.61 17.95
CA LEU B 266 10.16 23.65 19.40
C LEU B 266 9.36 24.82 19.93
N PHE B 267 8.39 24.54 20.79
CA PHE B 267 7.55 25.56 21.41
C PHE B 267 7.89 25.64 22.89
N LEU B 268 8.47 26.76 23.30
CA LEU B 268 8.79 27.03 24.70
C LEU B 268 7.67 27.88 25.29
N ASN B 269 6.73 27.22 25.96
CA ASN B 269 5.51 27.85 26.44
C ASN B 269 5.70 28.45 27.83
N LYS B 270 4.66 29.16 28.28
CA LYS B 270 4.63 29.76 29.61
C LYS B 270 5.83 30.68 29.83
N LYS B 271 6.19 31.44 28.79
CA LYS B 271 7.31 32.36 28.92
C LYS B 271 7.02 33.45 29.93
N ASP B 272 5.78 33.94 29.98
CA ASP B 272 5.43 34.99 30.93
C ASP B 272 5.78 34.59 32.36
N LEU B 273 5.30 33.43 32.80
CA LEU B 273 5.62 32.92 34.13
C LEU B 273 7.11 32.72 34.33
N PHE B 274 7.86 32.49 33.26
CA PHE B 274 9.31 32.38 33.37
C PHE B 274 9.96 33.70 33.72
N GLU B 275 9.38 34.82 33.26
CA GLU B 275 9.94 36.12 33.56
C GLU B 275 9.67 36.53 35.01
N GLU B 276 8.59 36.02 35.60
CA GLU B 276 8.20 36.38 36.94
C GLU B 276 8.88 35.54 38.02
N LYS B 277 9.59 34.48 37.64
CA LYS B 277 10.23 33.60 38.60
C LYS B 277 11.76 33.64 38.52
N ILE B 278 12.32 33.97 37.37
CA ILE B 278 13.76 34.06 37.24
C ILE B 278 14.34 35.11 38.15
N LYS B 279 13.64 36.24 38.33
CA LYS B 279 14.13 37.28 39.24
C LYS B 279 14.20 36.81 40.68
N LYS B 280 13.49 35.73 41.03
CA LYS B 280 13.51 35.18 42.37
C LYS B 280 14.15 33.81 42.46
N SER B 281 14.11 33.02 41.38
CA SER B 281 14.67 31.68 41.35
C SER B 281 15.66 31.59 40.20
N PRO B 282 16.95 31.77 40.48
CA PRO B 282 17.95 31.76 39.39
C PRO B 282 18.02 30.41 38.70
N LEU B 283 18.49 30.42 37.46
CA LEU B 283 18.65 29.19 36.70
C LEU B 283 19.71 28.27 37.31
N THR B 284 20.52 28.77 38.23
CA THR B 284 21.52 27.92 38.87
C THR B 284 20.89 26.77 39.65
N ILE B 285 19.60 26.84 39.96
CA ILE B 285 18.93 25.74 40.63
C ILE B 285 18.93 24.50 39.75
N CYS B 286 18.75 24.67 38.44
CA CYS B 286 18.75 23.53 37.52
C CYS B 286 19.94 23.57 36.57
N TYR B 287 20.55 24.75 36.41
CA TYR B 287 21.73 24.90 35.57
C TYR B 287 22.86 25.49 36.41
N PRO B 288 23.58 24.64 37.15
CA PRO B 288 24.64 25.16 38.02
C PRO B 288 25.71 25.96 37.29
N GLU B 289 26.01 25.59 36.05
CA GLU B 289 27.06 26.27 35.28
C GLU B 289 26.63 27.62 34.74
N TYR B 290 25.36 27.98 34.86
CA TYR B 290 24.90 29.26 34.33
C TYR B 290 25.63 30.41 35.02
N ALA B 291 26.04 31.41 34.23
CA ALA B 291 26.75 32.57 34.74
C ALA B 291 26.21 33.87 34.14
N GLY B 292 24.91 33.91 33.84
CA GLY B 292 24.29 35.08 33.27
C GLY B 292 23.45 35.85 34.28
N SER B 293 22.77 36.88 33.78
CA SER B 293 21.89 37.69 34.61
C SER B 293 20.54 37.00 34.80
N ASN B 294 19.84 37.42 35.86
CA ASN B 294 18.51 36.90 36.15
C ASN B 294 17.47 37.71 35.38
N THR B 295 17.64 37.72 34.06
CA THR B 295 16.74 38.39 33.15
C THR B 295 16.28 37.40 32.09
N TYR B 296 15.02 37.48 31.70
CA TYR B 296 14.43 36.52 30.74
C TYR B 296 15.17 36.49 29.46
N GLU B 297 15.66 37.64 29.06
CA GLU B 297 16.31 37.73 27.75
C GLU B 297 17.51 36.79 27.65
N GLU B 298 18.32 36.70 28.71
CA GLU B 298 19.49 35.83 28.72
C GLU B 298 19.15 34.39 29.10
N ALA B 299 18.25 34.20 30.07
CA ALA B 299 17.87 32.85 30.47
C ALA B 299 17.19 32.10 29.33
N ALA B 300 16.31 32.78 28.59
CA ALA B 300 15.64 32.13 27.48
C ALA B 300 16.66 31.70 26.41
N ALA B 301 17.62 32.56 26.09
CA ALA B 301 18.63 32.18 25.12
C ALA B 301 19.47 31.02 25.62
N TYR B 302 19.82 31.02 26.90
CA TYR B 302 20.60 29.91 27.45
C TYR B 302 19.82 28.60 27.36
N ILE B 303 18.52 28.65 27.68
CA ILE B 303 17.70 27.43 27.60
C ILE B 303 17.59 26.95 26.16
N GLN B 304 17.39 27.87 25.23
CA GLN B 304 17.32 27.48 23.83
C GLN B 304 18.62 26.82 23.37
N CYS B 305 19.75 27.36 23.80
CA CYS B 305 21.03 26.74 23.46
C CYS B 305 21.15 25.34 24.03
N GLN B 306 20.76 25.14 25.28
CA GLN B 306 20.88 23.84 25.91
C GLN B 306 20.04 22.81 25.20
N PHE B 307 18.85 23.20 24.77
CA PHE B 307 17.99 22.30 24.02
C PHE B 307 18.49 22.04 22.60
N GLU B 308 19.12 23.04 21.98
CA GLU B 308 19.63 22.80 20.64
C GLU B 308 20.98 22.08 20.66
N ASP B 309 21.67 22.08 21.81
CA ASP B 309 22.89 21.29 21.93
C ASP B 309 22.62 19.79 21.97
N LEU B 310 21.37 19.37 22.15
CA LEU B 310 21.00 17.97 22.16
C LEU B 310 20.91 17.37 20.77
N ASN B 311 20.99 18.19 19.73
CA ASN B 311 20.89 17.71 18.35
C ASN B 311 22.26 17.25 17.88
N LYS B 312 22.41 15.94 17.65
CA LYS B 312 23.65 15.36 17.18
C LYS B 312 23.64 15.07 15.68
N ARG B 313 22.63 15.56 14.96
CA ARG B 313 22.49 15.34 13.52
C ARG B 313 22.34 16.67 12.81
N LYS B 314 23.20 17.63 13.16
CA LYS B 314 23.03 18.99 12.68
C LYS B 314 23.18 19.09 11.16
N ASP B 315 23.73 18.07 10.52
CA ASP B 315 23.91 18.09 9.08
C ASP B 315 22.70 17.57 8.32
N THR B 316 21.65 17.12 9.02
CA THR B 316 20.48 16.54 8.36
C THR B 316 19.17 17.19 8.78
N LYS B 317 19.03 17.47 10.06
CA LYS B 317 17.76 18.01 10.55
C LYS B 317 17.89 19.40 11.13
N GLU B 318 16.87 20.22 10.92
CA GLU B 318 16.87 21.56 11.48
C GLU B 318 15.90 21.66 12.65
N ILE B 319 16.16 22.58 13.57
CA ILE B 319 15.30 22.80 14.72
C ILE B 319 14.82 24.24 14.69
N TYR B 320 13.51 24.44 14.76
CA TYR B 320 12.90 25.76 14.79
C TYR B 320 12.35 26.02 16.18
N THR B 321 12.73 27.16 16.77
CA THR B 321 12.37 27.49 18.14
C THR B 321 11.48 28.73 18.14
N HIS B 322 10.41 28.69 18.92
CA HIS B 322 9.46 29.79 19.04
C HIS B 322 9.09 29.96 20.50
N PHE B 323 9.11 31.20 20.98
CA PHE B 323 8.70 31.53 22.34
C PHE B 323 7.24 31.97 22.30
N THR B 324 6.40 31.32 23.09
CA THR B 324 4.96 31.55 23.05
C THR B 324 4.42 31.66 24.47
N CYS B 325 3.15 32.05 24.57
CA CYS B 325 2.48 32.18 25.85
C CYS B 325 0.99 31.91 25.66
N SER B 326 0.23 32.03 26.75
CA SER B 326 -1.18 31.72 26.72
C SER B 326 -1.98 32.63 25.80
N THR B 327 -1.49 33.83 25.51
CA THR B 327 -2.16 34.74 24.58
C THR B 327 -1.34 35.06 23.34
N ASP B 328 -1.05 34.06 22.52
CA ASP B 328 -0.26 34.27 21.30
C ASP B 328 -1.00 33.79 20.06
N THR B 329 -1.00 34.60 18.99
CA THR B 329 -1.72 34.23 17.77
C THR B 329 -0.79 33.94 16.58
N LYS B 330 0.51 34.07 16.78
CA LYS B 330 1.45 33.84 15.70
C LYS B 330 1.91 32.40 15.68
N ASN B 331 1.35 31.57 16.54
CA ASN B 331 1.74 30.18 16.63
C ASN B 331 1.46 29.42 15.34
N VAL B 332 0.31 29.66 14.73
CA VAL B 332 -0.06 28.97 13.51
C VAL B 332 0.77 29.47 12.33
N GLN B 333 1.02 30.76 12.26
CA GLN B 333 1.89 31.31 11.21
C GLN B 333 3.29 30.73 11.31
N PHE B 334 3.82 30.60 12.53
CA PHE B 334 5.15 30.04 12.70
C PHE B 334 5.20 28.60 12.22
N VAL B 335 4.18 27.81 12.56
CA VAL B 335 4.13 26.44 12.09
C VAL B 335 4.06 26.40 10.57
N PHE B 336 3.27 27.29 9.99
CA PHE B 336 3.16 27.35 8.53
C PHE B 336 4.51 27.63 7.88
N ASP B 337 5.24 28.60 8.42
CA ASP B 337 6.56 28.94 7.87
C ASP B 337 7.53 27.79 8.00
N ALA B 338 7.59 27.16 9.18
CA ALA B 338 8.53 26.06 9.38
C ALA B 338 8.20 24.88 8.46
N VAL B 339 6.92 24.57 8.31
CA VAL B 339 6.53 23.44 7.46
C VAL B 339 6.81 23.76 6.00
N THR B 340 6.61 25.01 5.59
CA THR B 340 6.94 25.39 4.22
C THR B 340 8.43 25.25 3.95
N ASP B 341 9.27 25.68 4.90
CA ASP B 341 10.71 25.50 4.73
C ASP B 341 11.07 24.03 4.65
N VAL B 342 10.47 23.20 5.51
CA VAL B 342 10.77 21.78 5.49
C VAL B 342 10.39 21.17 4.14
N ILE B 343 9.21 21.51 3.63
CA ILE B 343 8.73 20.93 2.38
C ILE B 343 9.63 21.37 1.22
N ILE B 344 10.00 22.65 1.20
CA ILE B 344 10.84 23.14 0.09
C ILE B 344 12.22 22.51 0.14
N LYS B 345 12.78 22.34 1.34
CA LYS B 345 14.08 21.69 1.45
C LYS B 345 14.02 20.24 1.01
N ASN B 346 12.94 19.54 1.37
CA ASN B 346 12.77 18.17 0.89
C ASN B 346 12.65 18.13 -0.63
N ASN B 347 11.88 19.04 -1.22
CA ASN B 347 11.75 19.07 -2.67
C ASN B 347 13.09 19.31 -3.34
N LEU B 348 13.86 20.28 -2.84
CA LEU B 348 15.18 20.53 -3.41
C LEU B 348 16.08 19.31 -3.27
N LYS B 349 16.10 18.69 -2.10
CA LYS B 349 16.93 17.49 -1.94
C LYS B 349 16.52 16.39 -2.91
N ASP B 350 15.22 16.28 -3.20
CA ASP B 350 14.73 15.27 -4.13
C ASP B 350 15.00 15.63 -5.58
N CYS B 351 15.24 16.90 -5.91
CA CYS B 351 15.52 17.32 -7.27
C CYS B 351 16.99 17.51 -7.55
N GLY B 352 17.87 17.13 -6.64
CA GLY B 352 19.26 17.49 -6.77
C GLY B 352 19.55 18.79 -6.05
N LEU B 353 20.40 19.61 -6.66
CA LEU B 353 20.65 20.94 -6.13
C LEU B 353 21.24 20.85 -4.72
N PHE B 354 20.45 20.36 -3.77
CA PHE B 354 20.94 20.14 -2.41
C PHE B 354 21.18 18.66 -2.17
N SER C 20 9.83 -10.49 58.25
CA SER C 20 9.13 -9.72 57.24
C SER C 20 8.42 -10.62 56.24
N GLU C 21 7.14 -10.36 56.00
CA GLU C 21 6.37 -11.24 55.13
C GLU C 21 6.95 -11.19 53.74
N LEU C 22 7.35 -9.99 53.31
CA LEU C 22 7.85 -9.83 51.96
C LEU C 22 9.13 -10.63 51.68
N ASP C 23 10.06 -10.64 52.64
CA ASP C 23 11.30 -11.41 52.46
C ASP C 23 10.95 -12.85 52.26
N GLN C 24 10.13 -13.38 53.17
CA GLN C 24 9.72 -14.79 53.10
C GLN C 24 9.05 -15.10 51.77
N LEU C 25 8.19 -14.20 51.28
CA LEU C 25 7.53 -14.44 50.01
C LEU C 25 8.53 -14.48 48.86
N ARG C 26 9.46 -13.54 48.85
CA ARG C 26 10.46 -13.48 47.80
C ARG C 26 11.33 -14.71 47.83
N GLN C 27 11.73 -15.13 49.02
CA GLN C 27 12.53 -16.33 49.15
C GLN C 27 11.73 -17.54 48.66
N GLU C 28 10.45 -17.60 49.02
CA GLU C 28 9.61 -18.71 48.59
C GLU C 28 9.48 -18.72 47.08
N ALA C 29 9.33 -17.54 46.48
CA ALA C 29 9.25 -17.47 45.03
C ALA C 29 10.49 -18.09 44.43
N GLU C 30 11.65 -17.75 44.99
CA GLU C 30 12.90 -18.29 44.46
C GLU C 30 12.96 -19.81 44.61
N GLN C 31 12.46 -20.34 45.73
CA GLN C 31 12.42 -21.79 45.90
C GLN C 31 11.55 -22.44 44.84
N LEU C 32 10.39 -21.86 44.56
CA LEU C 32 9.51 -22.41 43.53
C LEU C 32 10.16 -22.33 42.15
N LYS C 33 10.85 -21.23 41.86
CA LYS C 33 11.52 -21.11 40.57
C LYS C 33 12.63 -22.15 40.44
N ASN C 34 13.39 -22.39 41.51
CA ASN C 34 14.41 -23.43 41.47
C ASN C 34 13.80 -24.81 41.29
N GLN C 35 12.67 -25.07 41.96
CA GLN C 35 11.99 -26.35 41.77
C GLN C 35 11.56 -26.53 40.32
N ILE C 36 11.00 -25.47 39.72
CA ILE C 36 10.58 -25.58 38.32
C ILE C 36 11.78 -25.83 37.42
N ARG C 37 12.89 -25.13 37.66
CA ARG C 37 14.09 -25.33 36.86
C ARG C 37 14.60 -26.75 36.97
N ASP C 38 14.64 -27.29 38.19
CA ASP C 38 15.12 -28.65 38.39
C ASP C 38 14.19 -29.66 37.73
N ALA C 39 12.87 -29.46 37.85
CA ALA C 39 11.94 -30.38 37.22
C ALA C 39 12.09 -30.36 35.70
N ARG C 40 12.30 -29.17 35.12
CA ARG C 40 12.54 -29.10 33.68
C ARG C 40 13.83 -29.81 33.30
N LYS C 41 14.90 -29.57 34.06
CA LYS C 41 16.19 -30.17 33.72
C LYS C 41 16.14 -31.69 33.84
N ALA C 42 15.33 -32.21 34.76
CA ALA C 42 15.21 -33.66 34.91
C ALA C 42 14.57 -34.32 33.69
N CYS C 43 13.84 -33.56 32.87
CA CYS C 43 13.18 -34.10 31.70
C CYS C 43 14.00 -33.99 30.43
N ALA C 44 15.24 -33.51 30.54
CA ALA C 44 16.10 -33.36 29.38
C ALA C 44 16.89 -34.62 29.08
N ASP C 45 16.19 -35.70 28.74
CA ASP C 45 16.85 -36.97 28.42
C ASP C 45 17.75 -36.86 27.20
N ALA C 46 17.27 -36.23 26.13
CA ALA C 46 18.02 -36.13 24.88
C ALA C 46 17.51 -34.97 24.06
N THR C 47 18.42 -34.22 23.43
CA THR C 47 18.01 -33.05 22.69
C THR C 47 17.25 -33.45 21.42
N LEU C 48 16.48 -32.51 20.89
CA LEU C 48 15.75 -32.76 19.65
C LEU C 48 16.72 -33.02 18.51
N SER C 49 17.84 -32.30 18.47
CA SER C 49 18.78 -32.44 17.37
C SER C 49 19.47 -33.80 17.35
N GLN C 50 19.52 -34.50 18.48
CA GLN C 50 20.10 -35.84 18.53
C GLN C 50 19.13 -36.87 18.00
N ILE C 51 17.84 -36.67 18.28
CA ILE C 51 16.83 -37.62 17.81
C ILE C 51 16.64 -37.51 16.30
N THR C 52 16.59 -36.30 15.78
CA THR C 52 16.39 -36.07 14.36
C THR C 52 17.71 -36.03 13.59
N ASN C 53 18.75 -36.67 14.10
CA ASN C 53 20.04 -36.67 13.39
C ASN C 53 19.98 -37.53 12.13
N ASN C 54 19.18 -38.60 12.15
CA ASN C 54 19.12 -39.55 11.05
C ASN C 54 17.97 -39.29 10.08
N ILE C 55 17.32 -38.14 10.19
CA ILE C 55 16.23 -37.78 9.28
C ILE C 55 16.83 -37.20 8.01
N ASP C 56 16.27 -37.58 6.87
CA ASP C 56 16.73 -37.03 5.61
C ASP C 56 16.43 -35.54 5.53
N PRO C 57 17.40 -34.71 5.17
CA PRO C 57 17.13 -33.27 5.03
C PRO C 57 16.13 -33.00 3.92
N VAL C 58 15.35 -31.92 4.11
CA VAL C 58 14.33 -31.59 3.13
C VAL C 58 14.96 -31.13 1.81
N GLY C 59 16.21 -30.67 1.86
CA GLY C 59 16.86 -30.13 0.68
C GLY C 59 16.52 -28.66 0.49
N ARG C 60 17.10 -28.08 -0.54
CA ARG C 60 16.86 -26.67 -0.83
C ARG C 60 15.43 -26.49 -1.29
N ILE C 61 14.73 -25.53 -0.69
CA ILE C 61 13.34 -25.25 -0.99
C ILE C 61 13.29 -23.94 -1.76
N GLN C 62 12.86 -24.02 -3.02
CA GLN C 62 12.81 -22.86 -3.90
C GLN C 62 11.36 -22.55 -4.24
N MET C 63 10.96 -21.31 -4.00
CA MET C 63 9.59 -20.87 -4.23
C MET C 63 9.61 -19.64 -5.12
N ARG C 64 8.55 -19.47 -5.90
CA ARG C 64 8.43 -18.38 -6.85
C ARG C 64 7.22 -17.52 -6.51
N THR C 65 7.29 -16.26 -6.93
CA THR C 65 6.19 -15.33 -6.75
C THR C 65 5.14 -15.54 -7.84
N ARG C 66 3.96 -16.01 -7.44
CA ARG C 66 2.83 -16.20 -8.33
C ARG C 66 2.00 -14.96 -8.52
N ARG C 67 1.78 -14.18 -7.47
CA ARG C 67 0.94 -12.98 -7.54
C ARG C 67 1.61 -11.85 -6.77
N THR C 68 1.41 -10.63 -7.24
CA THR C 68 1.74 -9.43 -6.49
C THR C 68 0.46 -8.63 -6.34
N LEU C 69 0.13 -8.27 -5.11
CA LEU C 69 -1.11 -7.55 -4.81
C LEU C 69 -0.77 -6.08 -4.58
N ARG C 70 -1.21 -5.23 -5.50
CA ARG C 70 -0.94 -3.81 -5.48
C ARG C 70 -2.21 -3.04 -5.14
N GLY C 71 -2.04 -1.87 -4.54
CA GLY C 71 -3.17 -1.04 -4.20
C GLY C 71 -3.06 -0.33 -2.86
N HIS C 72 -2.36 -0.91 -1.90
CA HIS C 72 -2.04 -0.19 -0.68
C HIS C 72 -1.03 0.91 -0.99
N LEU C 73 -1.23 2.07 -0.40
CA LEU C 73 -0.38 3.24 -0.66
C LEU C 73 0.52 3.59 0.51
N ALA C 74 0.71 2.67 1.45
CA ALA C 74 1.57 2.89 2.60
C ALA C 74 2.04 1.54 3.11
N LYS C 75 2.68 1.56 4.26
CA LYS C 75 3.17 0.32 4.86
C LYS C 75 2.01 -0.63 5.16
N ILE C 76 2.19 -1.89 4.80
CA ILE C 76 1.27 -2.94 5.20
C ILE C 76 1.72 -3.46 6.56
N TYR C 77 0.80 -3.53 7.51
CA TYR C 77 1.15 -3.97 8.85
C TYR C 77 0.67 -5.38 9.17
N ALA C 78 -0.40 -5.86 8.54
CA ALA C 78 -0.93 -7.17 8.85
C ALA C 78 -1.71 -7.72 7.67
N MET C 79 -1.80 -9.04 7.61
CA MET C 79 -2.69 -9.74 6.69
C MET C 79 -3.17 -11.01 7.36
N HIS C 80 -4.28 -11.55 6.88
CA HIS C 80 -4.79 -12.81 7.41
C HIS C 80 -5.50 -13.58 6.30
N TRP C 81 -5.25 -14.87 6.23
CA TRP C 81 -5.89 -15.73 5.24
C TRP C 81 -7.31 -16.09 5.68
N GLY C 82 -8.21 -16.16 4.70
CA GLY C 82 -9.52 -16.75 4.91
C GLY C 82 -9.43 -18.25 5.01
N THR C 83 -10.41 -18.83 5.71
CA THR C 83 -10.37 -20.26 5.98
C THR C 83 -10.50 -21.09 4.70
N ASP C 84 -11.03 -20.48 3.64
CA ASP C 84 -11.20 -21.17 2.37
C ASP C 84 -9.92 -21.22 1.54
N SER C 85 -8.86 -20.57 2.00
CA SER C 85 -7.54 -20.56 1.36
C SER C 85 -7.49 -19.71 0.10
N ARG C 86 -8.51 -18.90 -0.17
CA ARG C 86 -8.56 -18.09 -1.38
C ARG C 86 -8.66 -16.60 -1.10
N LEU C 87 -9.48 -16.20 -0.13
CA LEU C 87 -9.70 -14.80 0.18
C LEU C 87 -8.70 -14.33 1.24
N LEU C 88 -8.33 -13.07 1.16
CA LEU C 88 -7.25 -12.51 1.96
C LEU C 88 -7.68 -11.14 2.46
N VAL C 89 -7.28 -10.79 3.68
CA VAL C 89 -7.49 -9.44 4.20
C VAL C 89 -6.13 -8.86 4.60
N SER C 90 -5.87 -7.65 4.15
CA SER C 90 -4.65 -6.95 4.50
C SER C 90 -4.99 -5.56 5.03
N ALA C 91 -4.17 -5.08 5.95
CA ALA C 91 -4.36 -3.79 6.59
C ALA C 91 -3.15 -2.91 6.36
N SER C 92 -3.37 -1.68 5.89
CA SER C 92 -2.27 -0.75 5.75
C SER C 92 -2.62 0.55 6.44
N GLN C 93 -1.57 1.27 6.85
CA GLN C 93 -1.74 2.54 7.55
C GLN C 93 -1.99 3.70 6.60
N ASP C 94 -2.56 3.40 5.43
CA ASP C 94 -3.01 4.45 4.53
C ASP C 94 -4.49 4.54 4.85
N GLY C 95 -4.91 3.91 5.94
CA GLY C 95 -6.31 3.91 6.32
C GLY C 95 -7.26 2.90 5.71
N LYS C 96 -6.74 1.85 5.09
CA LYS C 96 -7.62 0.90 4.41
C LYS C 96 -7.48 -0.57 4.73
N LEU C 97 -8.58 -1.31 4.73
CA LEU C 97 -8.52 -2.76 4.90
C LEU C 97 -8.97 -3.26 3.54
N ILE C 98 -8.22 -4.16 2.93
CA ILE C 98 -8.56 -4.63 1.59
C ILE C 98 -8.74 -6.13 1.65
N ILE C 99 -9.84 -6.61 1.07
CA ILE C 99 -10.10 -8.04 0.90
C ILE C 99 -9.85 -8.36 -0.56
N TRP C 100 -8.86 -9.22 -0.79
CA TRP C 100 -8.39 -9.66 -2.10
C TRP C 100 -8.85 -11.07 -2.40
N ASP C 101 -9.05 -11.32 -3.69
CA ASP C 101 -9.19 -12.66 -4.25
C ASP C 101 -7.82 -13.07 -4.76
N SER C 102 -7.19 -14.04 -4.09
CA SER C 102 -5.79 -14.33 -4.38
C SER C 102 -5.60 -15.03 -5.72
N TYR C 103 -6.58 -15.79 -6.20
CA TYR C 103 -6.44 -16.45 -7.49
C TYR C 103 -6.45 -15.46 -8.65
N THR C 104 -7.36 -14.49 -8.63
CA THR C 104 -7.48 -13.53 -9.72
C THR C 104 -6.78 -12.21 -9.43
N THR C 105 -6.46 -11.92 -8.18
CA THR C 105 -5.92 -10.65 -7.69
C THR C 105 -6.99 -9.57 -7.68
N ASN C 106 -8.26 -9.91 -7.88
CA ASN C 106 -9.33 -8.93 -7.79
C ASN C 106 -9.50 -8.44 -6.36
N LYS C 107 -9.75 -7.14 -6.22
CA LYS C 107 -10.11 -6.57 -4.93
C LYS C 107 -11.60 -6.77 -4.72
N VAL C 108 -11.94 -7.63 -3.76
CA VAL C 108 -13.33 -7.87 -3.41
C VAL C 108 -13.90 -6.72 -2.59
N HIS C 109 -13.16 -6.24 -1.59
CA HIS C 109 -13.66 -5.15 -0.76
C HIS C 109 -12.52 -4.19 -0.41
N ALA C 110 -12.89 -2.91 -0.23
CA ALA C 110 -11.97 -1.91 0.30
C ALA C 110 -12.69 -1.14 1.40
N ILE C 111 -12.28 -1.36 2.65
CA ILE C 111 -12.95 -0.84 3.82
C ILE C 111 -12.15 0.33 4.38
N PRO C 112 -12.68 1.55 4.36
CA PRO C 112 -11.99 2.66 5.02
C PRO C 112 -12.17 2.61 6.53
N LEU C 113 -11.11 3.01 7.25
CA LEU C 113 -11.05 2.90 8.69
C LEU C 113 -11.16 4.29 9.32
N ARG C 114 -11.88 4.38 10.44
CA ARG C 114 -11.99 5.65 11.15
C ARG C 114 -10.63 6.08 11.70
N SER C 115 -9.79 5.13 12.08
CA SER C 115 -8.45 5.43 12.54
C SER C 115 -7.46 4.68 11.68
N SER C 116 -6.53 5.40 11.06
CA SER C 116 -5.58 4.80 10.13
C SER C 116 -4.40 4.14 10.80
N TRP C 117 -4.26 4.24 12.11
CA TRP C 117 -3.11 3.67 12.83
C TRP C 117 -3.41 2.23 13.21
N VAL C 118 -3.61 1.41 12.18
CA VAL C 118 -3.95 0.01 12.33
C VAL C 118 -2.66 -0.80 12.46
N MET C 119 -2.68 -1.81 13.32
CA MET C 119 -1.54 -2.70 13.51
C MET C 119 -1.90 -4.17 13.44
N THR C 120 -3.17 -4.52 13.34
CA THR C 120 -3.59 -5.91 13.27
C THR C 120 -4.90 -6.02 12.51
N CYS C 121 -5.18 -7.21 11.99
CA CYS C 121 -6.45 -7.51 11.35
C CYS C 121 -6.71 -9.01 11.48
N ALA C 122 -7.97 -9.40 11.32
CA ALA C 122 -8.34 -10.79 11.44
C ALA C 122 -9.47 -11.12 10.47
N TYR C 123 -9.57 -12.39 10.11
CA TYR C 123 -10.62 -12.91 9.27
C TYR C 123 -11.39 -13.95 10.05
N ALA C 124 -12.71 -13.82 10.11
CA ALA C 124 -13.50 -14.77 10.87
C ALA C 124 -13.48 -16.13 10.17
N PRO C 125 -13.49 -17.23 10.93
CA PRO C 125 -13.47 -18.56 10.29
C PRO C 125 -14.62 -18.80 9.33
N SER C 126 -15.80 -18.23 9.61
CA SER C 126 -16.93 -18.34 8.69
C SER C 126 -16.85 -17.37 7.52
N GLY C 127 -15.98 -16.35 7.59
CA GLY C 127 -15.85 -15.41 6.51
C GLY C 127 -16.85 -14.27 6.52
N ASN C 128 -17.71 -14.19 7.54
CA ASN C 128 -18.73 -13.16 7.61
C ASN C 128 -18.20 -11.84 8.15
N TYR C 129 -17.14 -11.87 8.96
CA TYR C 129 -16.68 -10.69 9.67
C TYR C 129 -15.18 -10.50 9.47
N VAL C 130 -14.76 -9.25 9.65
CA VAL C 130 -13.35 -8.88 9.70
C VAL C 130 -13.13 -8.07 10.97
N ALA C 131 -11.91 -8.13 11.52
CA ALA C 131 -11.56 -7.36 12.70
C ALA C 131 -10.35 -6.48 12.42
N CYS C 132 -10.32 -5.32 13.07
CA CYS C 132 -9.24 -4.36 12.88
C CYS C 132 -8.93 -3.71 14.22
N GLY C 133 -7.73 -3.19 14.36
CA GLY C 133 -7.36 -2.51 15.59
C GLY C 133 -5.97 -1.91 15.47
N GLY C 134 -5.64 -1.06 16.44
CA GLY C 134 -4.35 -0.39 16.41
C GLY C 134 -4.11 0.57 17.55
N LEU C 135 -3.65 1.78 17.24
CA LEU C 135 -3.27 2.75 18.26
C LEU C 135 -4.46 3.44 18.90
N ASP C 136 -5.67 3.23 18.39
CA ASP C 136 -6.87 3.80 19.00
C ASP C 136 -7.37 2.99 20.20
N ASN C 137 -6.74 1.85 20.50
CA ASN C 137 -7.09 1.02 21.65
C ASN C 137 -8.43 0.34 21.48
N ILE C 138 -8.93 0.24 20.25
CA ILE C 138 -10.28 -0.25 19.97
C ILE C 138 -10.19 -1.39 18.97
N CYS C 139 -11.02 -2.42 19.16
CA CYS C 139 -11.14 -3.52 18.21
C CYS C 139 -12.44 -3.38 17.45
N SER C 140 -12.36 -3.04 16.17
CA SER C 140 -13.54 -2.82 15.34
C SER C 140 -13.90 -4.08 14.58
N ILE C 141 -15.19 -4.41 14.58
CA ILE C 141 -15.72 -5.60 13.91
C ILE C 141 -16.59 -5.12 12.76
N TYR C 142 -16.25 -5.57 11.55
CA TYR C 142 -16.95 -5.21 10.32
C TYR C 142 -17.70 -6.40 9.77
N ASN C 143 -18.95 -6.17 9.37
CA ASN C 143 -19.83 -7.18 8.79
C ASN C 143 -19.68 -7.14 7.28
N LEU C 144 -19.31 -8.26 6.68
CA LEU C 144 -19.04 -8.33 5.25
C LEU C 144 -20.27 -8.67 4.42
N LYS C 145 -21.33 -9.21 5.02
CA LYS C 145 -22.47 -9.73 4.28
C LYS C 145 -23.74 -9.11 4.84
N THR C 146 -24.10 -7.93 4.33
CA THR C 146 -25.28 -7.20 4.72
C THR C 146 -26.26 -7.15 3.56
N ARG C 147 -27.48 -6.69 3.85
CA ARG C 147 -28.49 -6.55 2.81
C ARG C 147 -28.30 -5.29 1.99
N GLU C 148 -27.64 -4.27 2.54
CA GLU C 148 -27.50 -3.01 1.82
C GLU C 148 -26.36 -3.06 0.81
N GLY C 149 -25.51 -4.07 0.89
CA GLY C 149 -24.42 -4.24 -0.06
C GLY C 149 -23.12 -3.58 0.33
N ASN C 150 -23.08 -2.90 1.47
CA ASN C 150 -21.85 -2.29 1.97
C ASN C 150 -21.24 -3.14 3.08
N VAL C 151 -20.05 -2.74 3.50
CA VAL C 151 -19.43 -3.25 4.71
C VAL C 151 -19.58 -2.20 5.81
N ARG C 152 -20.17 -2.61 6.93
CA ARG C 152 -20.47 -1.71 8.02
C ARG C 152 -19.74 -2.16 9.28
N VAL C 153 -19.42 -1.19 10.13
CA VAL C 153 -18.84 -1.50 11.44
C VAL C 153 -19.94 -2.08 12.31
N SER C 154 -19.95 -3.40 12.45
CA SER C 154 -20.96 -4.04 13.28
C SER C 154 -20.70 -3.84 14.76
N ARG C 155 -19.46 -3.54 15.15
CA ARG C 155 -19.21 -3.32 16.57
C ARG C 155 -17.87 -2.65 16.78
N GLU C 156 -17.71 -2.06 17.96
CA GLU C 156 -16.44 -1.51 18.42
C GLU C 156 -16.23 -1.89 19.88
N LEU C 157 -15.16 -2.62 20.15
CA LEU C 157 -14.84 -3.13 21.47
C LEU C 157 -13.81 -2.21 22.11
N ALA C 158 -14.16 -1.63 23.25
CA ALA C 158 -13.31 -0.71 23.98
C ALA C 158 -13.14 -1.20 25.41
N GLY C 159 -12.00 -0.86 26.01
CA GLY C 159 -11.67 -1.38 27.31
C GLY C 159 -10.19 -1.62 27.52
N HIS C 160 -9.43 -1.71 26.44
CA HIS C 160 -7.98 -1.73 26.55
C HIS C 160 -7.45 -0.32 26.76
N THR C 161 -6.39 -0.22 27.57
CA THR C 161 -5.76 1.06 27.84
C THR C 161 -4.48 1.27 27.04
N GLY C 162 -4.09 0.30 26.22
CA GLY C 162 -2.94 0.45 25.35
C GLY C 162 -3.30 0.05 23.93
N TYR C 163 -2.34 0.15 23.02
CA TYR C 163 -2.58 -0.18 21.62
C TYR C 163 -2.91 -1.62 21.42
N LEU C 164 -3.77 -1.93 20.45
CA LEU C 164 -4.08 -3.31 20.15
C LEU C 164 -3.01 -3.91 19.26
N SER C 165 -2.41 -5.01 19.69
CA SER C 165 -1.33 -5.62 18.92
C SER C 165 -1.76 -6.78 18.05
N CYS C 166 -2.68 -7.60 18.52
CA CYS C 166 -3.16 -8.75 17.78
C CYS C 166 -4.58 -9.09 18.21
N CYS C 167 -5.35 -9.62 17.28
CA CYS C 167 -6.69 -10.12 17.54
C CYS C 167 -6.92 -11.39 16.74
N ARG C 168 -7.71 -12.30 17.28
CA ARG C 168 -8.04 -13.55 16.59
C ARG C 168 -9.48 -13.95 16.91
N PHE C 169 -10.26 -14.18 15.86
CA PHE C 169 -11.63 -14.64 16.05
C PHE C 169 -11.62 -16.07 16.58
N LEU C 170 -12.05 -16.22 17.82
CA LEU C 170 -12.24 -17.54 18.42
C LEU C 170 -13.51 -18.21 17.90
N ASP C 171 -14.45 -17.42 17.41
CA ASP C 171 -15.72 -17.94 16.89
C ASP C 171 -16.41 -16.78 16.17
N ASP C 172 -17.70 -16.83 15.93
CA ASP C 172 -18.37 -15.67 15.33
C ASP C 172 -18.86 -14.66 16.36
N ASN C 173 -18.98 -15.09 17.62
CA ASN C 173 -19.45 -14.21 18.66
C ASN C 173 -18.40 -14.00 19.74
N GLN C 174 -17.23 -14.59 19.56
CA GLN C 174 -16.16 -14.40 20.50
C GLN C 174 -14.86 -13.98 19.83
N ILE C 175 -14.09 -13.11 20.48
CA ILE C 175 -12.79 -12.73 19.93
C ILE C 175 -11.81 -12.57 21.08
N VAL C 176 -10.52 -12.72 20.77
CA VAL C 176 -9.44 -12.55 21.75
C VAL C 176 -8.52 -11.46 21.24
N THR C 177 -8.07 -10.59 22.15
CA THR C 177 -7.21 -9.48 21.81
C THR C 177 -6.07 -9.35 22.81
N SER C 178 -4.96 -8.78 22.34
CA SER C 178 -3.80 -8.47 23.16
C SER C 178 -3.40 -7.03 22.90
N SER C 179 -2.87 -6.37 23.92
CA SER C 179 -2.53 -4.96 23.80
C SER C 179 -1.27 -4.65 24.59
N GLY C 180 -0.82 -3.41 24.48
CA GLY C 180 0.34 -2.91 25.18
C GLY C 180 0.12 -2.56 26.63
N ASP C 181 -1.11 -2.74 27.12
CA ASP C 181 -1.41 -2.54 28.55
C ASP C 181 -1.05 -3.77 29.33
N THR C 182 -0.38 -4.75 28.72
CA THR C 182 0.16 -5.97 29.30
C THR C 182 -0.89 -7.04 29.55
N THR C 183 -2.09 -6.93 29.00
CA THR C 183 -3.15 -7.90 29.26
C THR C 183 -3.77 -8.41 27.96
N CYS C 184 -4.42 -9.56 28.06
CA CYS C 184 -5.23 -10.09 26.99
C CYS C 184 -6.69 -10.10 27.43
N ALA C 185 -7.59 -10.08 26.45
CA ALA C 185 -9.01 -10.04 26.78
C ALA C 185 -9.79 -10.93 25.84
N LEU C 186 -10.77 -11.64 26.41
CA LEU C 186 -11.75 -12.41 25.66
C LEU C 186 -13.06 -11.65 25.69
N TRP C 187 -13.54 -11.27 24.50
CA TRP C 187 -14.72 -10.44 24.32
C TRP C 187 -15.87 -11.24 23.75
N ASP C 188 -17.06 -11.00 24.29
CA ASP C 188 -18.32 -11.45 23.72
C ASP C 188 -18.82 -10.34 22.79
N ILE C 189 -18.78 -10.60 21.48
CA ILE C 189 -19.05 -9.53 20.52
C ILE C 189 -20.50 -9.06 20.62
N GLU C 190 -21.44 -9.97 20.90
CA GLU C 190 -22.84 -9.59 20.90
C GLU C 190 -23.12 -8.48 21.90
N THR C 191 -22.69 -8.64 23.14
CA THR C 191 -22.91 -7.61 24.15
C THR C 191 -21.85 -6.53 24.14
N GLY C 192 -20.73 -6.74 23.46
CA GLY C 192 -19.66 -5.77 23.43
C GLY C 192 -18.85 -5.68 24.71
N GLN C 193 -19.07 -6.63 25.61
CA GLN C 193 -18.39 -6.59 26.88
C GLN C 193 -17.22 -7.53 26.89
N GLN C 194 -16.36 -7.40 27.89
CA GLN C 194 -15.20 -8.23 27.98
C GLN C 194 -15.54 -9.33 28.95
N THR C 195 -15.53 -10.57 28.47
CA THR C 195 -15.91 -11.68 29.33
C THR C 195 -14.77 -12.15 30.21
N THR C 196 -13.55 -12.14 29.69
CA THR C 196 -12.44 -12.66 30.48
C THR C 196 -11.21 -11.79 30.30
N THR C 197 -10.40 -11.69 31.34
CA THR C 197 -9.16 -10.94 31.31
C THR C 197 -8.00 -11.84 31.69
N PHE C 198 -6.90 -11.73 30.96
CA PHE C 198 -5.71 -12.54 31.15
C PHE C 198 -4.57 -11.60 31.51
N THR C 199 -4.17 -11.62 32.78
CA THR C 199 -3.10 -10.79 33.29
C THR C 199 -1.96 -11.66 33.79
N GLY C 200 -0.76 -11.08 33.81
CA GLY C 200 0.42 -11.80 34.24
C GLY C 200 1.69 -11.37 33.52
N HIS C 201 1.56 -10.90 32.29
CA HIS C 201 2.71 -10.35 31.59
C HIS C 201 3.11 -9.01 32.22
N THR C 202 4.42 -8.78 32.29
CA THR C 202 4.95 -7.53 32.81
C THR C 202 5.33 -6.53 31.73
N GLY C 203 5.28 -6.93 30.46
CA GLY C 203 5.51 -6.03 29.35
C GLY C 203 4.33 -6.05 28.37
N ASP C 204 4.53 -5.34 27.26
CA ASP C 204 3.53 -5.30 26.22
C ASP C 204 3.35 -6.68 25.59
N VAL C 205 2.11 -7.07 25.37
CA VAL C 205 1.80 -8.31 24.67
C VAL C 205 1.79 -8.02 23.18
N MET C 206 2.62 -8.74 22.43
CA MET C 206 2.88 -8.39 21.04
C MET C 206 2.15 -9.27 20.04
N SER C 207 1.86 -10.52 20.40
CA SER C 207 1.29 -11.46 19.43
C SER C 207 0.45 -12.49 20.15
N LEU C 208 -0.50 -13.06 19.42
CA LEU C 208 -1.38 -14.12 19.89
C LEU C 208 -1.41 -15.26 18.88
N SER C 209 -1.62 -16.47 19.38
CA SER C 209 -1.80 -17.63 18.50
C SER C 209 -2.78 -18.58 19.14
N LEU C 210 -3.96 -18.74 18.55
CA LEU C 210 -4.95 -19.68 19.06
C LEU C 210 -4.61 -21.15 18.76
N ALA C 211 -5.03 -22.07 19.62
CA ALA C 211 -4.78 -23.48 19.39
C ALA C 211 -5.70 -24.09 18.30
N PRO C 212 -5.30 -25.20 17.63
CA PRO C 212 -6.24 -25.71 16.63
C PRO C 212 -7.60 -26.08 17.18
N ASP C 213 -7.67 -26.56 18.42
CA ASP C 213 -8.94 -26.86 19.07
C ASP C 213 -9.55 -25.65 19.77
N THR C 214 -8.86 -24.52 19.76
CA THR C 214 -9.32 -23.21 20.24
C THR C 214 -9.58 -23.18 21.74
N ARG C 215 -9.04 -24.12 22.50
CA ARG C 215 -9.30 -24.18 23.94
C ARG C 215 -8.13 -23.63 24.71
N LEU C 216 -7.05 -23.31 24.01
CA LEU C 216 -5.89 -22.73 24.65
C LEU C 216 -5.31 -21.69 23.72
N PHE C 217 -4.59 -20.72 24.27
CA PHE C 217 -3.90 -19.76 23.41
C PHE C 217 -2.56 -19.39 24.02
N VAL C 218 -1.64 -18.94 23.19
CA VAL C 218 -0.32 -18.60 23.69
C VAL C 218 -0.01 -17.15 23.29
N SER C 219 0.66 -16.42 24.18
CA SER C 219 0.98 -15.03 23.91
C SER C 219 2.42 -14.72 24.33
N GLY C 220 3.11 -13.94 23.50
CA GLY C 220 4.46 -13.49 23.80
C GLY C 220 4.47 -12.00 24.10
N ALA C 221 5.32 -11.61 25.06
CA ALA C 221 5.31 -10.23 25.53
C ALA C 221 6.70 -9.63 25.34
N CYS C 222 6.83 -8.35 25.66
CA CYS C 222 8.10 -7.65 25.61
C CYS C 222 8.97 -7.90 26.82
N ASP C 223 8.46 -8.62 27.83
CA ASP C 223 9.27 -9.09 28.92
C ASP C 223 10.07 -10.33 28.56
N ALA C 224 10.12 -10.67 27.27
CA ALA C 224 10.91 -11.80 26.77
C ALA C 224 10.39 -13.13 27.32
N SER C 225 9.06 -13.28 27.36
CA SER C 225 8.48 -14.53 27.81
C SER C 225 7.20 -14.80 27.03
N ALA C 226 6.79 -16.06 27.08
CA ALA C 226 5.54 -16.51 26.47
C ALA C 226 4.71 -17.20 27.55
N LYS C 227 3.40 -17.10 27.43
CA LYS C 227 2.50 -17.69 28.39
C LYS C 227 1.40 -18.44 27.68
N LEU C 228 1.10 -19.64 28.19
CA LEU C 228 0.02 -20.47 27.71
C LEU C 228 -1.17 -20.31 28.64
N TRP C 229 -2.29 -19.83 28.07
CA TRP C 229 -3.52 -19.49 28.78
C TRP C 229 -4.63 -20.46 28.40
N ASP C 230 -5.43 -20.83 29.40
CA ASP C 230 -6.64 -21.60 29.21
C ASP C 230 -7.81 -20.62 29.02
N VAL C 231 -8.51 -20.76 27.90
CA VAL C 231 -9.53 -19.77 27.55
C VAL C 231 -10.66 -19.75 28.59
N ARG C 232 -11.27 -20.90 28.82
CA ARG C 232 -12.41 -20.97 29.72
C ARG C 232 -12.10 -20.60 31.16
N GLU C 233 -11.08 -21.22 31.72
CA GLU C 233 -10.69 -20.93 33.09
C GLU C 233 -10.23 -19.49 33.29
N GLY C 234 -9.49 -18.94 32.33
CA GLY C 234 -8.99 -17.58 32.46
C GLY C 234 -7.74 -17.59 33.29
N MET C 235 -6.97 -18.67 33.19
CA MET C 235 -5.80 -18.81 34.04
C MET C 235 -4.57 -19.06 33.18
N CYS C 236 -3.42 -18.63 33.67
CA CYS C 236 -2.16 -18.92 33.00
C CYS C 236 -1.74 -20.34 33.31
N ARG C 237 -1.68 -21.17 32.28
CA ARG C 237 -1.27 -22.55 32.43
C ARG C 237 0.24 -22.73 32.48
N GLN C 238 0.99 -22.01 31.65
CA GLN C 238 2.43 -22.22 31.66
C GLN C 238 3.17 -20.95 31.26
N THR C 239 4.44 -20.87 31.64
CA THR C 239 5.32 -19.76 31.27
C THR C 239 6.62 -20.31 30.68
N PHE C 240 6.99 -19.80 29.51
CA PHE C 240 8.18 -20.24 28.79
C PHE C 240 9.12 -19.07 28.59
N THR C 241 10.38 -19.27 28.97
CA THR C 241 11.41 -18.23 28.86
C THR C 241 12.59 -18.77 28.06
N GLY C 242 13.50 -17.87 27.73
CA GLY C 242 14.68 -18.23 26.96
C GLY C 242 15.11 -17.18 25.95
N HIS C 243 14.17 -16.39 25.45
CA HIS C 243 14.54 -15.28 24.58
C HIS C 243 15.19 -14.18 25.39
N GLU C 244 16.14 -13.49 24.76
CA GLU C 244 16.86 -12.41 25.41
C GLU C 244 16.27 -11.04 25.14
N SER C 245 15.25 -10.94 24.30
CA SER C 245 14.67 -9.66 23.92
C SER C 245 13.16 -9.83 23.76
N ASP C 246 12.53 -8.85 23.14
CA ASP C 246 11.09 -8.88 22.95
C ASP C 246 10.67 -9.99 21.99
N ILE C 247 9.52 -10.58 22.26
CA ILE C 247 8.93 -11.57 21.37
C ILE C 247 7.90 -10.87 20.49
N ASN C 248 8.11 -10.86 19.19
CA ASN C 248 7.21 -10.15 18.28
C ASN C 248 6.23 -11.04 17.56
N ALA C 249 6.57 -12.32 17.40
CA ALA C 249 5.73 -13.24 16.65
C ALA C 249 5.64 -14.55 17.40
N ILE C 250 4.55 -15.28 17.18
CA ILE C 250 4.31 -16.55 17.85
C ILE C 250 3.32 -17.35 17.02
N CYS C 251 3.51 -18.67 16.99
CA CYS C 251 2.67 -19.54 16.19
C CYS C 251 2.63 -20.92 16.80
N PHE C 252 1.50 -21.60 16.64
CA PHE C 252 1.31 -22.94 17.18
C PHE C 252 1.76 -24.00 16.17
N PHE C 253 2.30 -25.10 16.68
CA PHE C 253 2.58 -26.23 15.82
C PHE C 253 1.26 -26.85 15.35
N PRO C 254 1.21 -27.39 14.14
CA PRO C 254 -0.08 -27.83 13.59
C PRO C 254 -0.85 -28.82 14.45
N ASN C 255 -0.18 -29.68 15.20
CA ASN C 255 -0.88 -30.62 16.08
C ASN C 255 -1.22 -30.05 17.43
N GLY C 256 -0.78 -28.82 17.73
CA GLY C 256 -1.17 -28.13 18.95
C GLY C 256 -0.41 -28.50 20.19
N ASN C 257 0.73 -29.17 20.09
CA ASN C 257 1.52 -29.56 21.24
C ASN C 257 2.87 -28.82 21.32
N ALA C 258 3.08 -27.82 20.49
CA ALA C 258 4.30 -27.04 20.53
C ALA C 258 4.08 -25.75 19.75
N PHE C 259 4.95 -24.77 19.99
CA PHE C 259 4.84 -23.49 19.31
C PHE C 259 6.22 -22.89 19.06
N ALA C 260 6.26 -21.91 18.16
CA ALA C 260 7.49 -21.24 17.79
C ALA C 260 7.35 -19.74 18.03
N THR C 261 8.40 -19.13 18.58
CA THR C 261 8.42 -17.71 18.88
C THR C 261 9.63 -17.05 18.25
N GLY C 262 9.43 -15.87 17.69
CA GLY C 262 10.51 -15.07 17.17
C GLY C 262 10.65 -13.76 17.91
N SER C 263 11.89 -13.35 18.14
CA SER C 263 12.16 -12.19 18.99
C SER C 263 13.05 -11.21 18.24
N ASP C 264 13.47 -10.17 18.96
CA ASP C 264 14.39 -9.17 18.43
C ASP C 264 15.84 -9.58 18.54
N ASP C 265 16.13 -10.68 19.24
CA ASP C 265 17.50 -11.18 19.35
C ASP C 265 17.93 -11.95 18.12
N ALA C 266 17.14 -11.91 17.05
CA ALA C 266 17.45 -12.53 15.77
C ALA C 266 17.45 -14.05 15.83
N THR C 267 16.61 -14.64 16.68
CA THR C 267 16.49 -16.09 16.74
C THR C 267 15.02 -16.48 16.86
N CYS C 268 14.71 -17.66 16.35
CA CYS C 268 13.43 -18.30 16.62
C CYS C 268 13.65 -19.43 17.60
N ARG C 269 12.59 -19.82 18.31
CA ARG C 269 12.71 -20.93 19.24
C ARG C 269 11.45 -21.77 19.20
N LEU C 270 11.64 -23.08 19.35
CA LEU C 270 10.55 -24.04 19.39
C LEU C 270 10.44 -24.57 20.80
N PHE C 271 9.25 -24.37 21.41
CA PHE C 271 8.92 -24.79 22.75
C PHE C 271 7.88 -25.91 22.69
N ASP C 272 8.05 -26.90 23.57
CA ASP C 272 7.13 -28.02 23.66
C ASP C 272 6.26 -27.83 24.91
N LEU C 273 4.93 -27.98 24.73
CA LEU C 273 4.01 -27.79 25.83
C LEU C 273 4.08 -28.88 26.89
N ARG C 274 4.16 -30.13 26.48
CA ARG C 274 4.13 -31.24 27.43
C ARG C 274 5.43 -31.41 28.19
N ALA C 275 6.57 -31.15 27.55
CA ALA C 275 7.84 -31.19 28.26
C ALA C 275 8.13 -29.90 29.01
N ASP C 276 7.40 -28.82 28.72
CA ASP C 276 7.53 -27.56 29.43
C ASP C 276 8.95 -26.99 29.31
N GLN C 277 9.54 -27.12 28.12
CA GLN C 277 10.92 -26.65 27.88
C GLN C 277 11.07 -26.14 26.46
N GLU C 278 12.32 -25.87 26.04
CA GLU C 278 12.57 -25.45 24.67
C GLU C 278 13.30 -26.51 23.89
N LEU C 279 12.72 -26.99 22.81
CA LEU C 279 13.34 -28.05 22.02
C LEU C 279 14.47 -27.57 21.11
N MET C 280 14.24 -26.52 20.34
CA MET C 280 15.24 -26.09 19.37
C MET C 280 15.41 -24.59 19.16
N THR C 281 16.60 -24.15 18.77
CA THR C 281 16.83 -22.74 18.46
C THR C 281 17.19 -22.59 16.99
N TYR C 282 16.64 -21.60 16.33
CA TYR C 282 16.90 -21.34 14.92
C TYR C 282 17.59 -19.99 14.81
N SER C 283 18.91 -20.03 14.63
CA SER C 283 19.72 -18.82 14.60
C SER C 283 20.86 -19.02 13.61
N HIS C 284 21.43 -17.91 13.15
CA HIS C 284 22.55 -17.93 12.23
C HIS C 284 23.44 -16.73 12.54
N ASP C 285 24.71 -16.84 12.15
CA ASP C 285 25.66 -15.76 12.39
C ASP C 285 25.48 -14.59 11.44
N ASN C 286 24.92 -14.81 10.25
CA ASN C 286 24.71 -13.74 9.29
C ASN C 286 23.42 -12.98 9.53
N ILE C 287 22.61 -13.40 10.49
CA ILE C 287 21.32 -12.75 10.79
C ILE C 287 21.45 -12.05 12.13
N ILE C 288 21.29 -10.72 12.11
CA ILE C 288 21.36 -9.91 13.31
C ILE C 288 20.14 -9.03 13.49
N CYS C 289 19.24 -8.97 12.51
CA CYS C 289 18.01 -8.22 12.65
C CYS C 289 16.98 -9.03 13.42
N GLY C 290 15.89 -8.36 13.79
CA GLY C 290 14.80 -9.01 14.49
C GLY C 290 13.89 -9.79 13.56
N ILE C 291 13.05 -10.61 14.17
CA ILE C 291 12.09 -11.45 13.46
C ILE C 291 10.72 -10.84 13.67
N THR C 292 10.02 -10.59 12.56
CA THR C 292 8.71 -9.96 12.62
C THR C 292 7.55 -10.94 12.60
N SER C 293 7.71 -12.10 11.98
CA SER C 293 6.59 -13.01 11.76
C SER C 293 7.12 -14.44 11.69
N VAL C 294 6.29 -15.40 12.10
CA VAL C 294 6.61 -16.81 11.99
C VAL C 294 5.34 -17.59 11.70
N SER C 295 5.47 -18.66 10.92
CA SER C 295 4.37 -19.57 10.67
C SER C 295 4.93 -20.90 10.20
N PHE C 296 4.11 -21.95 10.35
CA PHE C 296 4.48 -23.30 9.97
C PHE C 296 3.83 -23.66 8.63
N SER C 297 4.37 -24.69 7.99
CA SER C 297 3.70 -25.29 6.85
C SER C 297 2.70 -26.34 7.34
N LYS C 298 1.83 -26.84 6.48
CA LYS C 298 0.81 -27.80 6.93
C LYS C 298 1.35 -28.96 7.76
N SER C 299 2.37 -29.64 7.27
CA SER C 299 2.98 -30.74 8.01
C SER C 299 3.61 -30.28 9.30
N GLY C 300 4.23 -29.11 9.26
CA GLY C 300 4.89 -28.58 10.43
C GLY C 300 6.37 -28.78 10.24
N ARG C 301 6.76 -29.28 9.08
CA ARG C 301 8.17 -29.57 8.85
C ARG C 301 8.98 -28.30 8.60
N LEU C 302 8.40 -27.32 7.91
CA LEU C 302 9.09 -26.08 7.60
C LEU C 302 8.59 -24.97 8.51
N LEU C 303 9.50 -24.11 8.94
CA LEU C 303 9.18 -22.92 9.71
C LEU C 303 9.59 -21.69 8.92
N LEU C 304 8.63 -20.84 8.58
CA LEU C 304 8.89 -19.63 7.82
C LEU C 304 8.95 -18.43 8.76
N ALA C 305 9.96 -17.60 8.58
CA ALA C 305 10.13 -16.43 9.45
C ALA C 305 10.54 -15.22 8.63
N GLY C 306 9.79 -14.13 8.78
CA GLY C 306 10.13 -12.88 8.11
C GLY C 306 11.04 -12.03 8.97
N TYR C 307 11.93 -11.27 8.34
CA TYR C 307 12.91 -10.48 9.09
C TYR C 307 12.94 -9.01 8.71
N ASP C 308 13.78 -8.23 9.38
CA ASP C 308 13.94 -6.82 9.03
C ASP C 308 14.95 -6.72 7.91
N ASP C 309 15.60 -7.83 7.55
CA ASP C 309 16.51 -7.87 6.42
C ASP C 309 15.80 -7.70 5.08
N PHE C 310 14.48 -7.53 5.09
CA PHE C 310 13.69 -7.38 3.88
C PHE C 310 13.35 -8.71 3.22
N ASN C 311 13.51 -9.83 3.92
CA ASN C 311 13.20 -11.12 3.30
C ASN C 311 12.80 -12.14 4.34
N CYS C 312 12.48 -13.34 3.88
CA CYS C 312 11.94 -14.41 4.70
C CYS C 312 12.84 -15.63 4.58
N ASN C 313 13.01 -16.34 5.68
CA ASN C 313 13.80 -17.56 5.69
C ASN C 313 12.91 -18.76 5.94
N VAL C 314 13.18 -19.85 5.22
CA VAL C 314 12.52 -21.13 5.41
C VAL C 314 13.50 -22.04 6.12
N TRP C 315 13.14 -22.46 7.32
CA TRP C 315 13.95 -23.31 8.18
C TRP C 315 13.38 -24.72 8.21
N ASP C 316 14.27 -25.69 8.38
CA ASP C 316 13.88 -27.07 8.66
C ASP C 316 13.58 -27.18 10.15
N ALA C 317 12.31 -27.27 10.51
CA ALA C 317 11.92 -27.24 11.91
C ALA C 317 12.50 -28.40 12.70
N LEU C 318 12.69 -29.56 12.07
CA LEU C 318 13.18 -30.74 12.77
C LEU C 318 14.69 -30.84 12.82
N LYS C 319 15.42 -30.01 12.08
CA LYS C 319 16.86 -30.07 12.04
C LYS C 319 17.56 -28.73 12.24
N ALA C 320 16.82 -27.62 12.15
CA ALA C 320 17.35 -26.30 12.46
C ALA C 320 18.27 -25.77 11.37
N ASP C 321 18.12 -26.27 10.15
CA ASP C 321 18.93 -25.82 9.03
C ASP C 321 18.10 -24.92 8.11
N ARG C 322 18.74 -23.88 7.58
CA ARG C 322 18.08 -23.00 6.63
C ARG C 322 17.83 -23.76 5.34
N ALA C 323 16.56 -23.90 4.98
CA ALA C 323 16.19 -24.65 3.80
C ALA C 323 15.94 -23.76 2.60
N GLY C 324 15.65 -22.49 2.80
CA GLY C 324 15.40 -21.63 1.66
C GLY C 324 15.30 -20.17 2.06
N VAL C 325 15.19 -19.32 1.04
CA VAL C 325 15.08 -17.88 1.22
C VAL C 325 14.05 -17.35 0.23
N LEU C 326 13.14 -16.51 0.72
CA LEU C 326 12.20 -15.78 -0.12
C LEU C 326 12.59 -14.31 -0.09
N ALA C 327 13.07 -13.81 -1.23
CA ALA C 327 13.47 -12.42 -1.39
C ALA C 327 12.68 -11.79 -2.54
N GLY C 328 12.49 -10.48 -2.45
CA GLY C 328 11.59 -9.83 -3.39
C GLY C 328 10.86 -8.64 -2.80
N HIS C 329 11.14 -8.32 -1.55
CA HIS C 329 10.59 -7.13 -0.92
C HIS C 329 11.70 -6.09 -0.73
N ASP C 330 11.35 -4.83 -0.93
CA ASP C 330 12.31 -3.72 -0.84
C ASP C 330 12.35 -3.09 0.54
N ASN C 331 11.57 -3.60 1.49
CA ASN C 331 11.55 -3.06 2.83
C ASN C 331 11.20 -4.19 3.79
N ARG C 332 11.10 -3.87 5.07
CA ARG C 332 10.83 -4.87 6.11
C ARG C 332 9.64 -5.74 5.91
N VAL C 333 9.85 -7.04 5.94
CA VAL C 333 8.74 -8.00 5.83
C VAL C 333 7.99 -8.00 7.16
N SER C 334 6.74 -7.54 7.12
CA SER C 334 5.98 -7.34 8.34
C SER C 334 5.04 -8.49 8.69
N CYS C 335 4.52 -9.21 7.70
CA CYS C 335 3.51 -10.22 8.00
C CYS C 335 3.66 -11.42 7.07
N LEU C 336 3.36 -12.60 7.61
CA LEU C 336 3.40 -13.87 6.89
C LEU C 336 2.12 -14.65 7.13
N GLY C 337 1.76 -15.47 6.17
CA GLY C 337 0.64 -16.39 6.34
C GLY C 337 0.80 -17.61 5.47
N VAL C 338 0.27 -18.73 5.94
CA VAL C 338 0.19 -19.96 5.15
C VAL C 338 -1.28 -20.39 5.11
N THR C 339 -1.75 -20.74 3.93
CA THR C 339 -3.14 -21.15 3.76
C THR C 339 -3.43 -22.44 4.51
N ASP C 340 -4.71 -22.63 4.86
CA ASP C 340 -5.09 -23.84 5.61
C ASP C 340 -4.90 -25.10 4.78
N ASP C 341 -4.94 -25.00 3.46
CA ASP C 341 -4.72 -26.16 2.60
C ASP C 341 -3.25 -26.34 2.23
N GLY C 342 -2.38 -25.42 2.65
CA GLY C 342 -0.95 -25.54 2.46
C GLY C 342 -0.43 -25.20 1.08
N MET C 343 -1.26 -24.61 0.21
CA MET C 343 -0.84 -24.42 -1.17
C MET C 343 0.18 -23.30 -1.33
N ALA C 344 0.05 -22.21 -0.59
CA ALA C 344 0.86 -21.04 -0.86
C ALA C 344 1.19 -20.30 0.43
N VAL C 345 2.18 -19.42 0.35
CA VAL C 345 2.52 -18.51 1.44
C VAL C 345 2.22 -17.11 0.97
N ALA C 346 1.93 -16.21 1.90
CA ALA C 346 1.72 -14.81 1.60
C ALA C 346 2.62 -13.97 2.49
N THR C 347 3.33 -13.02 1.88
CA THR C 347 4.19 -12.10 2.59
C THR C 347 3.76 -10.67 2.30
N GLY C 348 3.72 -9.86 3.35
CA GLY C 348 3.46 -8.44 3.21
C GLY C 348 4.51 -7.64 3.96
N SER C 349 4.90 -6.52 3.37
CA SER C 349 6.02 -5.76 3.89
C SER C 349 5.67 -4.26 3.89
N TRP C 350 6.65 -3.46 4.31
CA TRP C 350 6.46 -2.02 4.38
C TRP C 350 6.65 -1.35 3.05
N ASP C 351 6.85 -2.13 1.99
CA ASP C 351 7.00 -1.58 0.65
C ASP C 351 5.66 -1.40 -0.06
N SER C 352 4.55 -1.74 0.60
CA SER C 352 3.19 -1.59 0.06
C SER C 352 2.70 -2.76 -0.80
N PHE C 353 3.42 -3.87 -0.82
CA PHE C 353 3.03 -4.97 -1.69
C PHE C 353 2.86 -6.25 -0.89
N LEU C 354 1.92 -7.07 -1.36
CA LEU C 354 1.76 -8.44 -0.89
C LEU C 354 2.15 -9.38 -2.01
N LYS C 355 2.87 -10.43 -1.64
CA LYS C 355 3.29 -11.41 -2.62
C LYS C 355 2.93 -12.81 -2.20
N ILE C 356 2.38 -13.58 -3.11
CA ILE C 356 2.00 -14.97 -2.88
C ILE C 356 3.08 -15.84 -3.50
N TRP C 357 3.54 -16.84 -2.76
CA TRP C 357 4.62 -17.69 -3.22
C TRP C 357 4.21 -19.14 -3.23
N ASN C 358 4.80 -19.92 -4.12
CA ASN C 358 4.52 -21.36 -4.17
C ASN C 358 5.74 -22.03 -4.79
N ASN D 5 3.89 -2.29 53.06
CA ASN D 5 2.82 -2.09 52.08
C ASN D 5 2.01 -3.36 51.92
N THR D 6 0.73 -3.30 52.25
CA THR D 6 -0.14 -4.46 52.12
C THR D 6 -0.23 -4.90 50.67
N ALA D 7 -0.30 -3.92 49.76
CA ALA D 7 -0.42 -4.23 48.34
C ALA D 7 0.81 -4.99 47.81
N SER D 8 2.00 -4.60 48.24
CA SER D 8 3.20 -5.31 47.82
C SER D 8 3.19 -6.74 48.30
N ILE D 9 2.74 -6.97 49.53
CA ILE D 9 2.64 -8.32 50.05
C ILE D 9 1.64 -9.10 49.21
N ALA D 10 0.47 -8.51 48.95
CA ALA D 10 -0.54 -9.17 48.11
C ALA D 10 0.05 -9.59 46.76
N GLN D 11 0.86 -8.72 46.16
CA GLN D 11 1.49 -9.05 44.88
C GLN D 11 2.42 -10.26 45.02
N ALA D 12 3.22 -10.28 46.09
CA ALA D 12 4.12 -11.40 46.31
C ALA D 12 3.34 -12.69 46.54
N ARG D 13 2.22 -12.61 47.28
CA ARG D 13 1.39 -13.79 47.48
C ARG D 13 0.80 -14.29 46.16
N LYS D 14 0.37 -13.36 45.30
CA LYS D 14 -0.14 -13.77 43.99
C LYS D 14 0.95 -14.46 43.17
N LEU D 15 2.17 -13.90 43.18
CA LEU D 15 3.26 -14.53 42.45
C LEU D 15 3.58 -15.92 42.99
N VAL D 16 3.59 -16.07 44.32
CA VAL D 16 3.85 -17.37 44.91
C VAL D 16 2.76 -18.36 44.52
N GLU D 17 1.51 -17.94 44.54
CA GLU D 17 0.42 -18.82 44.14
C GLU D 17 0.57 -19.25 42.69
N GLN D 18 0.91 -18.32 41.81
CA GLN D 18 1.09 -18.69 40.40
C GLN D 18 2.25 -19.64 40.21
N LEU D 19 3.36 -19.41 40.89
CA LEU D 19 4.51 -20.29 40.74
C LEU D 19 4.17 -21.69 41.23
N LYS D 20 3.42 -21.79 42.33
CA LYS D 20 3.00 -23.10 42.81
C LYS D 20 2.07 -23.79 41.83
N MET D 21 1.17 -23.04 41.22
CA MET D 21 0.22 -23.63 40.30
C MET D 21 0.92 -24.12 39.05
N GLU D 22 1.97 -23.41 38.63
CA GLU D 22 2.72 -23.85 37.46
C GLU D 22 3.74 -24.93 37.79
N ALA D 23 4.13 -25.07 39.06
CA ALA D 23 5.15 -26.05 39.41
C ALA D 23 4.65 -27.48 39.26
N ASN D 24 3.42 -27.75 39.67
CA ASN D 24 2.88 -29.11 39.65
C ASN D 24 2.30 -29.45 38.28
N ILE D 25 3.21 -29.85 37.38
CA ILE D 25 2.86 -30.25 36.03
C ILE D 25 3.41 -31.65 35.78
N ASP D 26 2.62 -32.50 35.11
CA ASP D 26 3.07 -33.84 34.74
C ASP D 26 3.92 -33.73 33.47
N ARG D 27 5.16 -33.28 33.64
CA ARG D 27 6.03 -33.07 32.48
C ARG D 27 6.54 -34.36 31.84
N ILE D 28 6.32 -34.51 30.53
CA ILE D 28 6.81 -35.69 29.83
C ILE D 28 8.28 -35.55 29.47
N LYS D 29 8.92 -36.64 29.09
CA LYS D 29 10.32 -36.61 28.70
C LYS D 29 10.51 -35.88 27.39
N VAL D 30 11.62 -35.20 27.22
CA VAL D 30 11.85 -34.44 26.01
C VAL D 30 12.03 -35.38 24.82
N SER D 31 12.65 -36.53 25.03
CA SER D 31 12.76 -37.50 23.94
C SER D 31 11.39 -37.91 23.42
N LYS D 32 10.42 -38.10 24.32
CA LYS D 32 9.08 -38.46 23.90
C LYS D 32 8.44 -37.36 23.06
N ALA D 33 8.61 -36.10 23.48
CA ALA D 33 8.06 -34.99 22.71
C ALA D 33 8.71 -34.88 21.34
N ALA D 34 10.03 -35.06 21.27
CA ALA D 34 10.71 -35.03 19.98
C ALA D 34 10.22 -36.17 19.08
N ALA D 35 10.03 -37.36 19.65
CA ALA D 35 9.53 -38.47 18.87
C ALA D 35 8.13 -38.18 18.34
N ASP D 36 7.28 -37.56 19.13
CA ASP D 36 5.92 -37.30 18.69
C ASP D 36 5.86 -36.21 17.62
N LEU D 37 6.70 -35.19 17.73
CA LEU D 37 6.75 -34.18 16.68
C LEU D 37 7.24 -34.77 15.38
N MET D 38 8.24 -35.65 15.46
CA MET D 38 8.73 -36.33 14.27
C MET D 38 7.61 -37.16 13.66
N ALA D 39 6.98 -37.98 14.48
CA ALA D 39 5.91 -38.83 13.98
C ALA D 39 4.86 -38.01 13.26
N TYR D 40 4.46 -36.87 13.84
CA TYR D 40 3.48 -36.03 13.16
C TYR D 40 4.02 -35.51 11.84
N CYS D 41 5.29 -35.10 11.82
CA CYS D 41 5.86 -34.58 10.58
C CYS D 41 5.93 -35.66 9.50
N GLU D 42 6.20 -36.90 9.89
CA GLU D 42 6.25 -37.99 8.92
C GLU D 42 4.86 -38.35 8.42
N ALA D 43 3.88 -38.41 9.33
CA ALA D 43 2.55 -38.89 8.96
C ALA D 43 1.89 -37.99 7.92
N HIS D 44 2.23 -36.70 7.92
CA HIS D 44 1.62 -35.74 7.02
C HIS D 44 2.59 -35.18 6.00
N ALA D 45 3.67 -35.91 5.70
CA ALA D 45 4.69 -35.39 4.79
C ALA D 45 4.13 -35.17 3.38
N LYS D 46 3.32 -36.11 2.90
CA LYS D 46 2.84 -36.05 1.52
C LYS D 46 1.65 -35.14 1.33
N GLU D 47 1.09 -34.59 2.40
CA GLU D 47 -0.04 -33.67 2.32
C GLU D 47 0.40 -32.22 2.40
N ASP D 48 1.69 -31.93 2.33
CA ASP D 48 2.22 -30.57 2.48
C ASP D 48 2.69 -30.05 1.13
N PRO D 49 1.90 -29.21 0.45
CA PRO D 49 2.30 -28.75 -0.88
C PRO D 49 3.60 -27.95 -0.92
N LEU D 50 3.94 -27.20 0.12
CA LEU D 50 5.15 -26.39 0.09
C LEU D 50 6.42 -27.21 0.28
N LEU D 51 6.35 -28.30 1.03
CA LEU D 51 7.46 -29.23 1.18
C LEU D 51 7.62 -30.16 0.00
N THR D 52 6.50 -30.57 -0.62
CA THR D 52 6.50 -31.44 -1.79
C THR D 52 5.61 -30.82 -2.85
N PRO D 53 6.17 -29.98 -3.72
CA PRO D 53 5.33 -29.22 -4.66
C PRO D 53 4.48 -30.13 -5.53
N VAL D 54 3.28 -29.65 -5.84
CA VAL D 54 2.29 -30.41 -6.60
C VAL D 54 2.44 -30.13 -8.09
N PRO D 55 1.96 -31.01 -8.96
CA PRO D 55 2.04 -30.75 -10.39
C PRO D 55 1.28 -29.48 -10.77
N ALA D 56 1.78 -28.81 -11.81
CA ALA D 56 1.21 -27.52 -12.20
C ALA D 56 -0.28 -27.61 -12.48
N SER D 57 -0.76 -28.76 -12.96
CA SER D 57 -2.20 -28.91 -13.19
C SER D 57 -2.99 -28.85 -11.90
N GLU D 58 -2.36 -29.16 -10.77
CA GLU D 58 -3.01 -29.11 -9.46
C GLU D 58 -2.72 -27.84 -8.68
N ASN D 59 -1.99 -26.90 -9.27
CA ASN D 59 -1.56 -25.70 -8.56
C ASN D 59 -2.50 -24.55 -8.90
N PRO D 60 -3.31 -24.05 -7.95
CA PRO D 60 -4.22 -22.95 -8.26
C PRO D 60 -3.53 -21.63 -8.57
N PHE D 61 -2.26 -21.47 -8.21
CA PHE D 61 -1.53 -20.24 -8.46
C PHE D 61 -0.57 -20.36 -9.64
N ARG D 62 -0.63 -21.46 -10.39
CA ARG D 62 0.22 -21.65 -11.55
C ARG D 62 0.16 -20.44 -12.48
N ASP E 1 -35.15 -0.66 4.81
CA ASP E 1 -35.57 -1.87 4.15
C ASP E 1 -35.29 -1.76 2.67
N VAL E 2 -34.71 -2.81 2.08
CA VAL E 2 -34.45 -2.80 0.65
C VAL E 2 -35.77 -2.62 -0.09
N GLN E 3 -35.78 -1.65 -1.02
CA GLN E 3 -37.00 -1.35 -1.75
C GLN E 3 -36.75 -0.79 -3.13
N LEU E 4 -37.42 -1.34 -4.13
CA LEU E 4 -37.36 -0.88 -5.51
C LEU E 4 -38.78 -0.63 -5.98
N VAL E 5 -39.08 0.60 -6.36
CA VAL E 5 -40.42 0.96 -6.78
C VAL E 5 -40.39 1.48 -8.19
N GLU E 6 -41.13 0.83 -9.07
CA GLU E 6 -41.10 1.23 -10.46
C GLU E 6 -42.31 2.07 -10.82
N SER E 7 -42.11 3.07 -11.66
CA SER E 7 -43.22 3.92 -12.09
C SER E 7 -43.08 4.35 -13.54
N GLY E 8 -44.17 4.79 -14.16
CA GLY E 8 -44.14 5.25 -15.53
C GLY E 8 -44.87 4.39 -16.53
N GLY E 9 -45.56 3.35 -16.09
CA GLY E 9 -46.31 2.49 -16.99
C GLY E 9 -47.61 3.14 -17.41
N GLY E 10 -48.46 2.35 -18.03
CA GLY E 10 -49.75 2.80 -18.49
C GLY E 10 -49.99 2.43 -19.94
N LEU E 11 -51.03 3.02 -20.53
CA LEU E 11 -51.38 2.73 -21.92
C LEU E 11 -50.71 3.70 -22.86
N VAL E 12 -50.13 3.20 -23.93
CA VAL E 12 -49.42 4.06 -24.87
C VAL E 12 -49.76 3.65 -26.30
N GLN E 13 -49.69 4.59 -27.23
CA GLN E 13 -50.00 4.28 -28.61
C GLN E 13 -48.83 3.61 -29.37
N PRO E 14 -49.11 2.77 -30.39
CA PRO E 14 -47.97 2.21 -31.12
C PRO E 14 -47.12 3.30 -31.74
N GLY E 15 -45.80 3.08 -31.72
CA GLY E 15 -44.86 4.06 -32.23
C GLY E 15 -44.50 5.16 -31.29
N GLY E 16 -45.09 5.19 -30.09
CA GLY E 16 -44.82 6.23 -29.12
C GLY E 16 -43.58 5.94 -28.32
N SER E 17 -43.48 6.66 -27.20
CA SER E 17 -42.32 6.53 -26.34
C SER E 17 -42.68 6.81 -24.89
N ARG E 18 -42.29 5.93 -23.98
CA ARG E 18 -42.52 6.17 -22.55
C ARG E 18 -41.26 5.96 -21.75
N LYS E 19 -41.11 6.69 -20.65
CA LYS E 19 -39.95 6.49 -19.80
C LYS E 19 -40.33 5.84 -18.48
N LEU E 20 -39.76 4.67 -18.21
CA LEU E 20 -39.99 3.97 -16.97
C LEU E 20 -38.88 4.31 -15.98
N SER E 21 -39.26 4.49 -14.72
CA SER E 21 -38.29 4.85 -13.69
C SER E 21 -38.39 3.83 -12.55
N CYS E 22 -37.25 3.61 -11.91
CA CYS E 22 -37.11 2.66 -10.81
C CYS E 22 -36.40 3.37 -9.68
N SER E 23 -37.14 3.70 -8.63
CA SER E 23 -36.61 4.42 -7.47
C SER E 23 -36.15 3.41 -6.43
N ALA E 24 -34.92 3.57 -5.97
CA ALA E 24 -34.30 2.63 -5.03
C ALA E 24 -34.15 3.25 -3.66
N SER E 25 -34.33 2.43 -2.63
CA SER E 25 -34.19 2.91 -1.27
C SER E 25 -33.73 1.77 -0.37
N GLY E 26 -32.84 2.08 0.56
CA GLY E 26 -32.42 1.12 1.57
C GLY E 26 -31.20 0.29 1.24
N PHE E 27 -30.42 0.66 0.22
CA PHE E 27 -29.19 -0.05 -0.06
C PHE E 27 -28.27 0.86 -0.88
N ALA E 28 -27.00 0.46 -0.96
CA ALA E 28 -25.98 1.22 -1.69
C ALA E 28 -26.20 1.05 -3.19
N PHE E 29 -27.06 1.93 -3.73
CA PHE E 29 -27.52 1.78 -5.10
C PHE E 29 -26.38 1.84 -6.10
N SER E 30 -25.36 2.66 -5.83
CA SER E 30 -24.27 2.83 -6.79
C SER E 30 -23.37 1.61 -6.88
N SER E 31 -23.40 0.72 -5.89
CA SER E 31 -22.57 -0.47 -5.88
C SER E 31 -23.18 -1.64 -6.65
N PHE E 32 -24.43 -1.51 -7.08
CA PHE E 32 -25.16 -2.58 -7.72
C PHE E 32 -25.33 -2.29 -9.20
N GLY E 33 -25.20 -3.33 -10.03
CA GLY E 33 -25.69 -3.25 -11.39
C GLY E 33 -27.18 -3.50 -11.45
N MET E 34 -27.81 -2.99 -12.51
CA MET E 34 -29.25 -3.03 -12.61
C MET E 34 -29.68 -3.68 -13.91
N HIS E 35 -30.76 -4.44 -13.83
CA HIS E 35 -31.36 -5.11 -14.97
C HIS E 35 -32.82 -4.70 -15.09
N TRP E 36 -33.32 -4.73 -16.31
CA TRP E 36 -34.75 -4.52 -16.52
C TRP E 36 -35.18 -5.86 -17.11
N VAL E 37 -36.13 -6.54 -16.48
CA VAL E 37 -36.62 -7.83 -16.96
C VAL E 37 -38.13 -7.73 -17.13
N ARG E 38 -38.67 -8.21 -18.23
CA ARG E 38 -40.11 -8.07 -18.47
C ARG E 38 -40.83 -9.39 -18.54
N GLN E 39 -42.11 -9.37 -18.26
CA GLN E 39 -42.92 -10.56 -18.34
C GLN E 39 -44.17 -10.23 -19.10
N ALA E 40 -44.29 -10.65 -20.36
CA ALA E 40 -45.51 -10.42 -21.09
C ALA E 40 -46.66 -11.16 -20.43
N PRO E 41 -47.90 -10.83 -20.79
CA PRO E 41 -49.05 -11.54 -20.21
C PRO E 41 -48.98 -13.06 -20.38
N GLU E 42 -47.97 -13.56 -21.10
CA GLU E 42 -47.76 -15.01 -21.27
C GLU E 42 -47.04 -15.62 -20.08
N LYS E 43 -46.64 -14.80 -19.11
CA LYS E 43 -46.01 -15.25 -17.87
C LYS E 43 -44.61 -15.80 -18.08
N GLY E 44 -44.01 -15.58 -19.25
CA GLY E 44 -42.62 -15.92 -19.42
C GLY E 44 -41.72 -14.71 -19.27
N LEU E 45 -40.64 -14.91 -18.52
CA LEU E 45 -39.71 -13.82 -18.20
C LEU E 45 -38.73 -13.60 -19.34
N GLU E 46 -38.54 -12.33 -19.70
CA GLU E 46 -37.58 -11.94 -20.72
C GLU E 46 -36.66 -10.86 -20.16
N TRP E 47 -35.36 -11.10 -20.22
CA TRP E 47 -34.38 -10.09 -19.86
C TRP E 47 -34.32 -9.03 -20.95
N VAL E 48 -34.33 -7.77 -20.55
CA VAL E 48 -34.42 -6.64 -21.46
C VAL E 48 -33.10 -5.88 -21.54
N ALA E 49 -32.58 -5.44 -20.41
CA ALA E 49 -31.39 -4.59 -20.48
C ALA E 49 -30.59 -4.67 -19.19
N TYR E 50 -29.33 -4.25 -19.26
CA TYR E 50 -28.43 -4.26 -18.12
C TYR E 50 -27.48 -3.07 -18.17
N ILE E 51 -27.33 -2.39 -17.03
CA ILE E 51 -26.35 -1.31 -16.87
C ILE E 51 -25.56 -1.58 -15.60
N SER E 52 -24.24 -1.60 -15.70
CA SER E 52 -23.39 -1.97 -14.57
C SER E 52 -23.29 -0.83 -13.57
N SER E 53 -22.65 -1.11 -12.44
CA SER E 53 -22.33 -0.06 -11.48
C SER E 53 -21.19 0.78 -12.02
N GLY E 54 -21.39 2.10 -11.99
CA GLY E 54 -20.51 3.00 -12.68
C GLY E 54 -20.87 3.25 -14.14
N SER E 55 -21.89 2.56 -14.65
CA SER E 55 -22.38 2.78 -16.01
C SER E 55 -21.33 2.46 -17.06
N GLY E 56 -20.34 1.65 -16.71
CA GLY E 56 -19.32 1.26 -17.67
C GLY E 56 -19.84 0.37 -18.78
N THR E 57 -20.57 -0.68 -18.45
CA THR E 57 -21.04 -1.63 -19.46
C THR E 57 -22.54 -1.65 -19.58
N ILE E 58 -23.03 -1.60 -20.81
CA ILE E 58 -24.46 -1.63 -21.06
C ILE E 58 -24.81 -2.68 -22.10
N TYR E 59 -25.80 -3.52 -21.80
CA TYR E 59 -26.23 -4.55 -22.73
C TYR E 59 -27.72 -4.49 -22.96
N TYR E 60 -28.16 -4.87 -24.15
CA TYR E 60 -29.57 -4.91 -24.51
C TYR E 60 -29.90 -6.25 -25.13
N ALA E 61 -31.16 -6.65 -25.04
CA ALA E 61 -31.59 -7.86 -25.71
C ALA E 61 -31.78 -7.43 -27.15
N ASP E 62 -31.62 -8.34 -28.09
CA ASP E 62 -31.70 -7.97 -29.50
C ASP E 62 -33.06 -7.43 -29.89
N THR E 63 -34.12 -8.02 -29.36
CA THR E 63 -35.46 -7.58 -29.70
C THR E 63 -35.73 -6.11 -29.43
N VAL E 64 -34.93 -5.48 -28.57
CA VAL E 64 -35.17 -4.10 -28.22
C VAL E 64 -33.98 -3.20 -28.51
N LYS E 65 -32.86 -3.75 -28.99
CA LYS E 65 -31.68 -2.95 -29.23
C LYS E 65 -31.96 -1.90 -30.29
N GLY E 66 -31.56 -0.66 -30.02
CA GLY E 66 -31.82 0.46 -30.90
C GLY E 66 -33.11 1.19 -30.62
N ARG E 67 -33.98 0.65 -29.77
CA ARG E 67 -35.23 1.30 -29.39
C ARG E 67 -35.31 1.64 -27.92
N PHE E 68 -34.56 0.93 -27.07
CA PHE E 68 -34.56 1.16 -25.63
C PHE E 68 -33.19 1.68 -25.20
N THR E 69 -33.21 2.59 -24.23
CA THR E 69 -31.99 3.14 -23.63
C THR E 69 -32.09 3.02 -22.12
N ILE E 70 -31.07 2.43 -21.49
CA ILE E 70 -31.03 2.23 -20.05
C ILE E 70 -29.99 3.18 -19.47
N SER E 71 -30.33 3.84 -18.36
CA SER E 71 -29.42 4.81 -17.73
C SER E 71 -29.63 4.87 -16.22
N ARG E 72 -28.71 5.49 -15.50
CA ARG E 72 -28.79 5.57 -14.04
C ARG E 72 -28.61 6.98 -13.53
N ASP E 73 -29.14 7.26 -12.35
CA ASP E 73 -28.91 8.56 -11.72
C ASP E 73 -28.52 8.20 -10.32
N ASP E 74 -27.23 8.04 -10.07
CA ASP E 74 -26.75 7.59 -8.76
C ASP E 74 -27.08 8.55 -7.64
N PRO E 75 -26.81 9.86 -7.75
CA PRO E 75 -27.18 10.77 -6.65
C PRO E 75 -28.66 10.76 -6.33
N LYS E 76 -29.52 10.57 -7.32
CA LYS E 76 -30.95 10.48 -7.09
C LYS E 76 -31.43 9.04 -6.91
N ASN E 77 -30.53 8.07 -6.96
CA ASN E 77 -30.88 6.66 -6.74
C ASN E 77 -32.01 6.16 -7.63
N THR E 78 -31.97 6.52 -8.91
CA THR E 78 -33.01 6.07 -9.82
C THR E 78 -32.49 5.47 -11.12
N LEU E 79 -33.17 4.42 -11.60
CA LEU E 79 -32.77 3.76 -12.84
C LEU E 79 -33.81 4.13 -13.89
N PHE E 80 -33.40 4.26 -15.15
CA PHE E 80 -34.33 4.67 -16.19
C PHE E 80 -34.34 3.81 -17.43
N LEU E 81 -35.51 3.63 -18.03
CA LEU E 81 -35.56 2.93 -19.32
C LEU E 81 -36.31 3.85 -20.27
N GLN E 82 -35.69 4.21 -21.37
CA GLN E 82 -36.35 5.06 -22.36
C GLN E 82 -36.79 4.18 -23.51
N MET E 83 -38.09 4.10 -23.74
CA MET E 83 -38.60 3.19 -24.75
C MET E 83 -39.20 4.04 -25.87
N THR E 84 -38.72 3.82 -27.09
CA THR E 84 -39.20 4.55 -28.25
C THR E 84 -39.57 3.57 -29.36
N SER E 85 -40.45 3.99 -30.26
CA SER E 85 -40.92 3.13 -31.35
C SER E 85 -41.55 1.88 -30.80
N LEU E 86 -42.53 2.06 -29.92
CA LEU E 86 -43.17 0.92 -29.28
C LEU E 86 -44.00 0.06 -30.22
N ARG E 87 -44.01 -1.24 -29.97
CA ARG E 87 -44.78 -2.16 -30.79
C ARG E 87 -45.63 -3.00 -29.87
N SER E 88 -46.71 -3.57 -30.38
CA SER E 88 -47.61 -4.34 -29.53
C SER E 88 -46.89 -5.41 -28.73
N GLU E 89 -45.78 -5.91 -29.24
CA GLU E 89 -45.05 -6.97 -28.54
C GLU E 89 -44.32 -6.46 -27.31
N ASP E 90 -44.38 -5.17 -27.03
CA ASP E 90 -43.75 -4.59 -25.85
C ASP E 90 -44.70 -4.50 -24.66
N THR E 91 -45.94 -4.93 -24.80
CA THR E 91 -46.86 -4.96 -23.67
C THR E 91 -46.39 -5.97 -22.64
N ALA E 92 -46.21 -5.52 -21.40
CA ALA E 92 -45.70 -6.44 -20.39
C ALA E 92 -45.59 -5.74 -19.05
N MET E 93 -45.28 -6.52 -18.02
CA MET E 93 -44.90 -6.00 -16.71
C MET E 93 -43.37 -5.96 -16.64
N TYR E 94 -42.83 -4.79 -16.30
CA TYR E 94 -41.40 -4.59 -16.26
C TYR E 94 -40.92 -4.57 -14.81
N TYR E 95 -39.87 -5.34 -14.54
CA TYR E 95 -39.26 -5.46 -13.23
C TYR E 95 -37.85 -4.88 -13.25
N CYS E 96 -37.51 -4.22 -12.16
CA CYS E 96 -36.19 -3.65 -11.93
C CYS E 96 -35.46 -4.58 -10.96
N VAL E 97 -34.32 -5.12 -11.37
CA VAL E 97 -33.61 -6.14 -10.61
C VAL E 97 -32.22 -5.64 -10.28
N ARG E 98 -31.79 -5.83 -9.04
CA ARG E 98 -30.43 -5.47 -8.65
C ARG E 98 -29.54 -6.69 -8.63
N SER E 99 -28.26 -6.49 -8.98
CA SER E 99 -27.33 -7.60 -9.08
C SER E 99 -25.92 -7.08 -8.83
N ILE E 100 -25.20 -7.72 -7.92
CA ILE E 100 -23.85 -7.30 -7.56
C ILE E 100 -22.90 -8.46 -7.79
N TYR E 101 -21.75 -8.18 -8.39
CA TYR E 101 -20.83 -9.22 -8.84
C TYR E 101 -19.48 -9.07 -8.17
N TYR E 102 -19.14 -10.02 -7.31
CA TYR E 102 -17.78 -10.21 -6.82
C TYR E 102 -17.70 -11.64 -6.34
N TYR E 103 -16.48 -12.11 -6.09
CA TYR E 103 -16.32 -13.50 -5.69
C TYR E 103 -17.22 -13.84 -4.52
N GLY E 104 -18.10 -14.83 -4.73
CA GLY E 104 -19.01 -15.29 -3.71
C GLY E 104 -20.30 -14.52 -3.57
N SER E 105 -20.59 -13.58 -4.46
CA SER E 105 -21.77 -12.74 -4.34
C SER E 105 -23.02 -13.50 -4.78
N SER E 106 -24.16 -12.82 -4.67
CA SER E 106 -25.47 -13.40 -5.00
C SER E 106 -26.20 -12.44 -5.94
N PRO E 107 -26.06 -12.64 -7.24
CA PRO E 107 -26.75 -11.77 -8.19
C PRO E 107 -28.25 -12.05 -8.25
N PHE E 108 -29.00 -11.07 -8.75
CA PHE E 108 -30.46 -11.20 -8.93
C PHE E 108 -31.17 -11.49 -7.61
N ASP E 109 -30.70 -10.90 -6.52
CA ASP E 109 -31.19 -11.25 -5.20
C ASP E 109 -32.41 -10.44 -4.76
N PHE E 110 -32.77 -9.38 -5.49
CA PHE E 110 -33.97 -8.62 -5.13
C PHE E 110 -34.61 -8.08 -6.39
N TRP E 111 -35.92 -8.27 -6.52
CA TRP E 111 -36.70 -7.83 -7.65
C TRP E 111 -37.68 -6.73 -7.22
N GLY E 112 -37.99 -5.84 -8.15
CA GLY E 112 -38.98 -4.82 -7.91
C GLY E 112 -40.38 -5.39 -8.04
N GLN E 113 -41.37 -4.51 -7.91
CA GLN E 113 -42.76 -4.90 -8.05
C GLN E 113 -43.29 -4.74 -9.46
N GLY E 114 -42.76 -3.94 -10.33
CA GLY E 114 -43.26 -3.89 -11.69
C GLY E 114 -44.22 -2.82 -12.15
N THR E 115 -44.11 -2.45 -13.44
CA THR E 115 -45.03 -1.49 -14.01
C THR E 115 -45.68 -2.09 -15.23
N THR E 116 -46.99 -2.02 -15.31
CA THR E 116 -47.70 -2.60 -16.45
C THR E 116 -47.79 -1.65 -17.61
N LEU E 117 -47.05 -1.94 -18.67
CA LEU E 117 -47.08 -1.11 -19.88
C LEU E 117 -47.93 -1.82 -20.92
N THR E 118 -48.97 -1.15 -21.40
CA THR E 118 -49.87 -1.69 -22.40
C THR E 118 -49.74 -0.86 -23.67
N VAL E 119 -49.70 -1.54 -24.80
CA VAL E 119 -49.64 -0.91 -26.12
C VAL E 119 -50.87 -1.34 -26.90
N SER E 120 -51.68 -0.38 -27.33
CA SER E 120 -52.91 -0.70 -28.03
C SER E 120 -52.62 -1.29 -29.41
N SER E 121 -53.58 -2.05 -29.91
CA SER E 121 -53.47 -2.66 -31.24
C SER E 121 -52.23 -3.53 -31.34
N GLY E 135 -29.56 -16.96 -32.73
CA GLY E 135 -28.96 -18.20 -33.19
C GLY E 135 -27.94 -18.76 -32.23
N SER E 136 -27.07 -17.89 -31.74
CA SER E 136 -26.05 -18.27 -30.76
C SER E 136 -26.55 -18.18 -29.32
N ASP E 137 -27.76 -17.66 -29.11
CA ASP E 137 -28.31 -17.58 -27.76
C ASP E 137 -28.55 -18.96 -27.19
N ILE E 138 -28.28 -19.12 -25.90
CA ILE E 138 -28.47 -20.40 -25.23
C ILE E 138 -29.96 -20.62 -25.01
N VAL E 139 -30.43 -21.83 -25.26
CA VAL E 139 -31.83 -22.19 -25.09
C VAL E 139 -31.97 -23.00 -23.82
N MET E 140 -32.86 -22.56 -22.94
CA MET E 140 -33.15 -23.24 -21.69
C MET E 140 -34.53 -23.88 -21.78
N THR E 141 -34.61 -25.17 -21.45
CA THR E 141 -35.82 -25.95 -21.63
C THR E 141 -36.30 -26.50 -20.30
N GLN E 142 -37.60 -26.39 -20.04
CA GLN E 142 -38.26 -27.02 -18.92
C GLN E 142 -39.45 -27.80 -19.50
N ALA E 143 -39.25 -29.10 -19.67
CA ALA E 143 -40.22 -29.91 -20.41
C ALA E 143 -41.60 -29.89 -19.75
N THR E 144 -41.65 -30.01 -18.42
CA THR E 144 -42.91 -30.08 -17.71
C THR E 144 -43.42 -28.65 -17.47
N SER E 145 -44.64 -28.37 -17.92
CA SER E 145 -45.24 -27.07 -17.69
C SER E 145 -45.93 -26.98 -16.33
N SER E 146 -46.50 -28.08 -15.86
CA SER E 146 -47.22 -28.09 -14.59
C SER E 146 -47.04 -29.43 -13.93
N VAL E 147 -47.23 -29.46 -12.61
CA VAL E 147 -47.06 -30.67 -11.80
C VAL E 147 -48.03 -30.61 -10.62
N PRO E 148 -49.06 -31.44 -10.58
CA PRO E 148 -49.90 -31.50 -9.38
C PRO E 148 -49.14 -32.12 -8.21
N VAL E 149 -49.19 -31.46 -7.06
CA VAL E 149 -48.41 -31.85 -5.90
C VAL E 149 -49.31 -31.87 -4.67
N THR E 150 -48.83 -32.56 -3.63
CA THR E 150 -49.54 -32.69 -2.37
C THR E 150 -48.64 -32.22 -1.24
N PRO E 151 -49.18 -31.52 -0.22
CA PRO E 151 -48.34 -31.05 0.87
C PRO E 151 -47.65 -32.20 1.59
N GLY E 152 -46.41 -31.97 2.02
CA GLY E 152 -45.63 -32.95 2.72
C GLY E 152 -44.80 -33.85 1.84
N GLU E 153 -44.97 -33.79 0.53
CA GLU E 153 -44.24 -34.63 -0.40
C GLU E 153 -43.14 -33.84 -1.10
N SER E 154 -42.13 -34.57 -1.57
CA SER E 154 -41.03 -33.95 -2.30
C SER E 154 -41.40 -33.81 -3.78
N VAL E 155 -40.78 -32.83 -4.42
CA VAL E 155 -41.01 -32.55 -5.82
C VAL E 155 -39.67 -32.29 -6.49
N SER E 156 -39.59 -32.60 -7.79
CA SER E 156 -38.38 -32.39 -8.56
C SER E 156 -38.71 -31.63 -9.83
N ILE E 157 -37.95 -30.58 -10.12
CA ILE E 157 -38.14 -29.77 -11.31
C ILE E 157 -36.85 -29.79 -12.11
N SER E 158 -36.94 -30.09 -13.40
CA SER E 158 -35.77 -30.30 -14.23
C SER E 158 -35.59 -29.15 -15.23
N CYS E 159 -34.34 -28.89 -15.56
CA CYS E 159 -33.97 -27.87 -16.53
C CYS E 159 -32.90 -28.45 -17.45
N ARG E 160 -33.00 -28.12 -18.73
CA ARG E 160 -32.05 -28.56 -19.74
C ARG E 160 -31.45 -27.36 -20.44
N SER E 161 -30.17 -27.43 -20.77
CA SER E 161 -29.47 -26.37 -21.47
C SER E 161 -28.92 -26.88 -22.79
N SER E 162 -29.05 -26.06 -23.83
CA SER E 162 -28.49 -26.42 -25.13
C SER E 162 -26.97 -26.39 -25.13
N LYS E 163 -26.36 -25.66 -24.20
CA LYS E 163 -24.92 -25.55 -24.10
C LYS E 163 -24.53 -25.76 -22.65
N SER E 164 -23.39 -26.40 -22.43
CA SER E 164 -22.93 -26.65 -21.07
C SER E 164 -22.73 -25.33 -20.33
N LEU E 165 -23.27 -25.26 -19.12
CA LEU E 165 -23.16 -24.07 -18.29
C LEU E 165 -21.96 -24.11 -17.36
N LEU E 166 -21.15 -25.16 -17.44
CA LEU E 166 -19.94 -25.28 -16.62
C LEU E 166 -18.81 -24.53 -17.31
N HIS E 167 -18.19 -23.61 -16.58
CA HIS E 167 -17.11 -22.79 -17.09
C HIS E 167 -15.77 -23.41 -16.69
N SER E 168 -14.70 -22.95 -17.33
CA SER E 168 -13.37 -23.46 -17.03
C SER E 168 -12.93 -23.13 -15.61
N ASN E 169 -13.59 -22.18 -14.94
CA ASN E 169 -13.23 -21.78 -13.59
C ASN E 169 -13.95 -22.59 -12.52
N GLY E 170 -14.83 -23.52 -12.90
CA GLY E 170 -15.49 -24.40 -11.96
C GLY E 170 -16.92 -24.04 -11.63
N ASN E 171 -17.41 -22.90 -12.06
CA ASN E 171 -18.76 -22.47 -11.75
C ASN E 171 -19.76 -22.96 -12.78
N THR E 172 -20.94 -23.32 -12.31
CA THR E 172 -22.08 -23.62 -13.16
C THR E 172 -23.11 -22.52 -12.97
N TYR E 173 -23.20 -21.63 -13.96
CA TYR E 173 -24.08 -20.48 -13.84
C TYR E 173 -25.52 -20.76 -14.10
N LEU E 174 -26.18 -21.40 -13.15
CA LEU E 174 -27.60 -21.68 -13.26
C LEU E 174 -28.32 -21.06 -12.09
N TYR E 175 -29.39 -20.33 -12.35
CA TYR E 175 -30.12 -19.66 -11.30
C TYR E 175 -31.54 -20.15 -11.22
N TRP E 176 -32.02 -20.43 -10.02
CA TRP E 176 -33.41 -20.84 -9.85
C TRP E 176 -34.20 -19.72 -9.20
N PHE E 177 -35.33 -19.37 -9.78
CA PHE E 177 -36.20 -18.34 -9.25
C PHE E 177 -37.59 -18.93 -9.02
N LEU E 178 -38.33 -18.33 -8.09
CA LEU E 178 -39.70 -18.70 -7.79
C LEU E 178 -40.60 -17.48 -7.83
N GLN E 179 -41.74 -17.59 -8.49
CA GLN E 179 -42.73 -16.51 -8.54
C GLN E 179 -44.06 -17.04 -8.03
N ARG E 180 -44.51 -16.50 -6.90
CA ARG E 180 -45.80 -16.87 -6.35
C ARG E 180 -46.91 -16.06 -7.02
N PRO E 181 -48.15 -16.52 -6.93
CA PRO E 181 -49.24 -15.81 -7.60
C PRO E 181 -49.33 -14.36 -7.17
N GLY E 182 -49.24 -13.46 -8.15
CA GLY E 182 -49.38 -12.04 -7.91
C GLY E 182 -48.20 -11.34 -7.28
N GLN E 183 -47.01 -11.93 -7.34
CA GLN E 183 -45.83 -11.35 -6.70
C GLN E 183 -44.66 -11.37 -7.66
N SER E 184 -43.61 -10.65 -7.29
CA SER E 184 -42.39 -10.63 -8.08
C SER E 184 -41.62 -11.94 -7.91
N PRO E 185 -40.80 -12.31 -8.89
CA PRO E 185 -39.96 -13.50 -8.72
C PRO E 185 -38.97 -13.31 -7.59
N GLN E 186 -38.52 -14.42 -7.00
CA GLN E 186 -37.59 -14.39 -5.88
C GLN E 186 -36.51 -15.44 -6.04
N LEU E 187 -35.26 -15.09 -5.81
CA LEU E 187 -34.16 -16.03 -5.96
C LEU E 187 -34.17 -17.19 -4.97
N LEU E 188 -33.96 -18.40 -5.45
CA LEU E 188 -33.86 -19.56 -4.56
C LEU E 188 -32.46 -20.14 -4.55
N ILE E 189 -31.89 -20.35 -5.72
CA ILE E 189 -30.56 -20.95 -5.85
C ILE E 189 -29.81 -20.02 -6.78
N TYR E 190 -28.67 -19.48 -6.36
CA TYR E 190 -28.03 -18.48 -7.21
C TYR E 190 -26.90 -19.05 -8.04
N ARG E 191 -26.34 -20.19 -7.64
CA ARG E 191 -25.39 -20.88 -8.51
C ARG E 191 -25.70 -22.32 -8.16
N MET E 192 -25.73 -23.19 -9.17
CA MET E 192 -26.11 -24.56 -8.94
C MET E 192 -25.61 -24.98 -7.57
N SER E 193 -26.52 -25.37 -6.67
CA SER E 193 -26.16 -25.82 -5.31
C SER E 193 -25.86 -24.75 -4.26
N ASN E 194 -26.17 -23.49 -4.55
CA ASN E 194 -25.96 -22.43 -3.58
C ASN E 194 -27.28 -21.82 -3.16
N LEU E 195 -27.75 -22.17 -1.97
CA LEU E 195 -29.01 -21.60 -1.48
C LEU E 195 -28.93 -20.12 -1.17
N ALA E 196 -29.98 -19.38 -1.50
CA ALA E 196 -29.98 -17.94 -1.30
C ALA E 196 -30.28 -17.54 0.12
N SER E 197 -29.93 -16.30 0.48
CA SER E 197 -30.15 -15.84 1.84
C SER E 197 -31.62 -15.70 2.21
N GLY E 198 -31.99 -16.29 3.34
CA GLY E 198 -33.37 -16.23 3.78
C GLY E 198 -34.27 -17.30 3.19
N VAL E 199 -33.73 -18.22 2.41
CA VAL E 199 -34.53 -19.26 1.76
C VAL E 199 -34.56 -20.50 2.64
N PRO E 200 -35.71 -21.15 2.80
CA PRO E 200 -35.79 -22.35 3.63
C PRO E 200 -34.90 -23.46 3.09
N ASP E 201 -34.34 -24.25 4.01
CA ASP E 201 -33.41 -25.32 3.64
C ASP E 201 -34.06 -26.42 2.83
N ARG E 202 -35.39 -26.46 2.75
CA ARG E 202 -36.08 -27.53 2.04
C ARG E 202 -35.79 -27.51 0.54
N PHE E 203 -35.36 -26.37 0.02
CA PHE E 203 -34.98 -26.26 -1.38
C PHE E 203 -33.51 -26.64 -1.56
N SER E 204 -33.23 -27.44 -2.58
CA SER E 204 -31.86 -27.85 -2.86
C SER E 204 -31.71 -28.01 -4.36
N GLY E 205 -30.50 -27.85 -4.86
CA GLY E 205 -30.27 -27.92 -6.29
C GLY E 205 -29.01 -28.70 -6.60
N SER E 206 -29.00 -29.30 -7.79
CA SER E 206 -27.85 -30.06 -8.26
C SER E 206 -27.93 -30.13 -9.78
N GLY E 207 -26.91 -30.71 -10.38
CA GLY E 207 -26.91 -30.85 -11.83
C GLY E 207 -25.50 -31.08 -12.35
N SER E 208 -25.42 -31.12 -13.67
CA SER E 208 -24.16 -31.38 -14.35
C SER E 208 -24.24 -30.83 -15.77
N GLY E 209 -23.46 -29.78 -16.04
CA GLY E 209 -23.16 -29.39 -17.41
C GLY E 209 -24.36 -28.85 -18.16
N THR E 210 -25.31 -29.73 -18.46
CA THR E 210 -26.49 -29.37 -19.24
C THR E 210 -27.79 -29.91 -18.66
N ALA E 211 -27.77 -30.67 -17.57
CA ALA E 211 -28.98 -31.19 -16.97
C ALA E 211 -29.00 -30.80 -15.49
N PHE E 212 -30.05 -30.10 -15.06
CA PHE E 212 -30.11 -29.56 -13.71
C PHE E 212 -31.44 -29.93 -13.05
N THR E 213 -31.40 -30.06 -11.73
CA THR E 213 -32.55 -30.48 -10.95
C THR E 213 -32.66 -29.63 -9.70
N LEU E 214 -33.89 -29.21 -9.40
CA LEU E 214 -34.23 -28.54 -8.15
C LEU E 214 -35.17 -29.45 -7.38
N THR E 215 -34.80 -29.78 -6.13
CA THR E 215 -35.54 -30.70 -5.31
C THR E 215 -36.13 -29.96 -4.11
N ILE E 216 -37.42 -30.20 -3.84
CA ILE E 216 -38.13 -29.59 -2.73
C ILE E 216 -38.59 -30.71 -1.81
N SER E 217 -38.25 -30.61 -0.54
CA SER E 217 -38.64 -31.59 0.46
C SER E 217 -39.64 -30.97 1.44
N ARG E 218 -40.63 -31.76 1.83
CA ARG E 218 -41.66 -31.30 2.75
C ARG E 218 -42.39 -30.09 2.18
N LEU E 219 -43.08 -30.32 1.07
CA LEU E 219 -43.74 -29.24 0.36
C LEU E 219 -44.72 -28.51 1.28
N GLU E 220 -44.72 -27.18 1.18
CA GLU E 220 -45.62 -26.34 1.94
C GLU E 220 -46.60 -25.63 1.01
N ALA E 221 -47.70 -25.14 1.59
CA ALA E 221 -48.67 -24.39 0.80
C ALA E 221 -48.06 -23.10 0.25
N GLU E 222 -47.09 -22.52 0.97
CA GLU E 222 -46.47 -21.29 0.51
C GLU E 222 -45.51 -21.51 -0.66
N ASP E 223 -45.19 -22.77 -0.96
CA ASP E 223 -44.22 -23.06 -2.03
C ASP E 223 -44.87 -23.32 -3.38
N VAL E 224 -46.11 -22.90 -3.54
CA VAL E 224 -46.82 -23.08 -4.81
C VAL E 224 -46.58 -21.85 -5.68
N GLY E 225 -46.18 -22.08 -6.92
CA GLY E 225 -45.93 -20.98 -7.83
C GLY E 225 -45.32 -21.48 -9.11
N VAL E 226 -44.65 -20.57 -9.83
CA VAL E 226 -43.97 -20.90 -11.07
C VAL E 226 -42.47 -20.82 -10.85
N TYR E 227 -41.75 -21.86 -11.23
CA TYR E 227 -40.31 -21.94 -11.04
C TYR E 227 -39.62 -21.68 -12.37
N TYR E 228 -38.63 -20.78 -12.34
CA TYR E 228 -37.94 -20.35 -13.55
C TYR E 228 -36.46 -20.70 -13.46
N CYS E 229 -35.91 -21.07 -14.62
CA CYS E 229 -34.51 -21.47 -14.77
C CYS E 229 -33.81 -20.41 -15.60
N MET E 230 -32.69 -19.88 -15.12
CA MET E 230 -31.95 -18.86 -15.84
C MET E 230 -30.49 -19.25 -15.94
N GLN E 231 -29.84 -18.83 -17.02
CA GLN E 231 -28.41 -19.01 -17.20
C GLN E 231 -27.73 -17.65 -17.19
N HIS E 232 -26.59 -17.55 -16.53
CA HIS E 232 -25.83 -16.31 -16.45
C HIS E 232 -24.44 -16.51 -17.01
N LEU E 233 -24.31 -17.43 -17.97
CA LEU E 233 -23.02 -17.74 -18.56
C LEU E 233 -22.56 -16.68 -19.56
N GLU E 234 -23.49 -16.11 -20.32
CA GLU E 234 -23.15 -15.09 -21.30
C GLU E 234 -24.42 -14.38 -21.75
N TYR E 235 -24.27 -13.12 -22.10
CA TYR E 235 -25.41 -12.31 -22.53
C TYR E 235 -25.78 -12.65 -23.97
N PRO E 236 -27.07 -12.55 -24.33
CA PRO E 236 -28.15 -12.17 -23.43
C PRO E 236 -28.54 -13.28 -22.46
N LEU E 237 -29.09 -12.90 -21.32
CA LEU E 237 -29.53 -13.87 -20.33
C LEU E 237 -30.86 -14.48 -20.76
N THR E 238 -30.99 -15.79 -20.58
CA THR E 238 -32.15 -16.53 -21.06
C THR E 238 -32.81 -17.26 -19.91
N PHE E 239 -34.13 -17.30 -19.94
CA PHE E 239 -34.93 -17.95 -18.90
C PHE E 239 -35.58 -19.20 -19.47
N GLY E 240 -36.07 -20.05 -18.57
CA GLY E 240 -36.87 -21.18 -18.96
C GLY E 240 -38.31 -20.79 -19.22
N ALA E 241 -39.08 -21.78 -19.66
CA ALA E 241 -40.50 -21.53 -19.92
C ALA E 241 -41.28 -21.36 -18.62
N GLY E 242 -40.85 -22.03 -17.55
CA GLY E 242 -41.54 -21.94 -16.28
C GLY E 242 -42.38 -23.16 -15.97
N THR E 243 -42.11 -23.79 -14.83
CA THR E 243 -42.84 -24.97 -14.38
C THR E 243 -43.76 -24.57 -13.24
N LYS E 244 -45.03 -24.97 -13.33
CA LYS E 244 -46.05 -24.52 -12.39
C LYS E 244 -46.41 -25.64 -11.43
N LEU E 245 -46.48 -25.31 -10.14
CA LEU E 245 -46.96 -26.23 -9.12
C LEU E 245 -48.38 -25.87 -8.72
N GLU E 246 -49.20 -26.90 -8.50
CA GLU E 246 -50.61 -26.72 -8.20
C GLU E 246 -51.00 -27.55 -6.99
N LEU E 247 -51.99 -27.07 -6.25
CA LEU E 247 -52.50 -27.76 -5.06
C LEU E 247 -51.44 -27.81 -3.97
N HSM F . 21.42 20.30 -34.62
CA HSM F . 22.83 20.22 -35.00
CB HSM F . 23.33 18.78 -34.94
CG HSM F . 24.79 18.70 -34.57
ND1 HSM F . 25.32 17.57 -34.09
CD2 HSM F . 25.78 19.63 -34.62
CE1 HSM F . 26.64 17.85 -33.86
NE2 HSM F . 26.95 19.09 -34.16
C1 CLR G . 38.57 17.50 -38.27
C2 CLR G . 39.17 18.11 -39.53
C3 CLR G . 38.65 19.54 -39.79
C4 CLR G . 38.96 20.40 -38.54
C5 CLR G . 38.56 19.80 -37.18
C6 CLR G . 38.10 20.63 -36.24
C7 CLR G . 37.53 20.10 -34.91
C8 CLR G . 38.19 18.73 -34.57
C9 CLR G . 38.01 17.79 -35.80
C10 CLR G . 38.90 18.30 -36.98
C11 CLR G . 38.07 16.27 -35.50
C12 CLR G . 37.54 15.81 -34.13
C13 CLR G . 38.05 16.71 -32.96
C14 CLR G . 37.55 18.15 -33.33
C15 CLR G . 37.66 19.01 -32.03
C16 CLR G . 37.43 17.95 -30.88
C17 CLR G . 37.27 16.53 -31.60
C18 CLR G . 39.59 16.60 -32.77
C19 CLR G . 40.43 18.18 -36.70
C20 CLR G . 37.75 15.38 -30.68
C21 CLR G . 37.58 13.95 -31.27
C22 CLR G . 36.92 15.42 -29.34
C23 CLR G . 37.89 15.64 -28.16
C24 CLR G . 37.03 15.89 -26.85
C25 CLR G . 36.25 14.64 -26.37
C26 CLR G . 35.52 15.05 -25.06
C27 CLR G . 37.05 13.30 -26.27
O1 CLR G . 39.13 20.14 -40.98
#